data_7PAV
#
_entry.id   7PAV
#
_cell.length_a   52.512
_cell.length_b   75.103
_cell.length_c   107.521
_cell.angle_alpha   90
_cell.angle_beta   94.16
_cell.angle_gamma   90
#
_symmetry.space_group_name_H-M   'P 1 21 1'
#
loop_
_entity.id
_entity.type
_entity.pdbx_description
1 polymer 'Mucosa-associated lymphoid tissue lymphoma translocation protein 1'
2 non-polymer ~{N}1,~{N}4-bis[2-(trifluoromethyl)pyrimidin-4-yl]cyclohexane-1,4-diamine
3 water water
#
_entity_poly.entity_id   1
_entity_poly.type   'polypeptide(L)'
_entity_poly.pdbx_seq_one_letter_code
;MLAKDKVALLIGNMNYREHPKLKAPLVDVYELTNLLRQLDFKVVSLLDLTEYEMRNAVDEFLLLLDKGVYGLLYYAGHGY
ENFGNSFMVPVDAPNPYRSENCLCVQNILKLMQEKETGLNVFLLDMCRKRNDYDDTIPILDALKVTANIVFGYATCQGAE
AFEIQHSGLANGIFMKFLKDRLLEDKKITVLLDEVAEDMGKCHLTKGKQALEIRSSLSEKRALTDPIQGTEYSAESLVRN
LQWAKAHELPESMCLKFKCGVQIQLGFAAEFSNVMIIYTKIVYKPPEIIMCDAYVTDFPLDLDIDPKDANKGTPEETGSY
LVSKDLPKACLYTRLSSLQKLKEELVFTVCLSYQYSGLEDTVEDKQEVNVGKPLIAKLDMHRHHHHHH
;
_entity_poly.pdbx_strand_id   A,B
#
loop_
_chem_comp.id
_chem_comp.type
_chem_comp.name
_chem_comp.formula
6IO non-polymer ~{N}1,~{N}4-bis[2-(trifluoromethyl)pyrimidin-4-yl]cyclohexane-1,4-diamine 'C16 H16 F6 N6'
#
# COMPACT_ATOMS: atom_id res chain seq x y z
N MET A 1 16.43 13.04 10.99
CA MET A 1 17.05 12.52 9.77
C MET A 1 17.66 13.61 8.88
N LEU A 2 18.64 13.21 8.06
CA LEU A 2 19.38 14.07 7.15
C LEU A 2 19.19 13.63 5.71
N ALA A 3 19.25 14.59 4.77
CA ALA A 3 19.16 14.31 3.33
C ALA A 3 20.48 14.70 2.65
N LYS A 4 20.95 13.93 1.64
CA LYS A 4 22.14 14.36 0.86
C LYS A 4 21.76 15.65 0.08
N ASP A 5 20.57 15.60 -0.53
CA ASP A 5 19.98 16.66 -1.30
C ASP A 5 18.47 16.39 -1.39
N LYS A 6 17.70 17.38 -1.87
CA LYS A 6 16.24 17.27 -2.07
C LYS A 6 15.96 17.76 -3.48
N VAL A 7 15.56 16.86 -4.36
CA VAL A 7 15.35 17.17 -5.78
C VAL A 7 13.92 16.81 -6.20
N ALA A 8 13.24 17.71 -6.91
CA ALA A 8 11.87 17.43 -7.35
C ALA A 8 11.68 17.68 -8.84
N LEU A 9 10.90 16.81 -9.48
CA LEU A 9 10.50 16.94 -10.86
C LEU A 9 8.99 17.07 -10.88
N LEU A 10 8.46 18.25 -11.29
CA LEU A 10 7.01 18.43 -11.35
C LEU A 10 6.58 18.59 -12.79
N ILE A 11 5.65 17.77 -13.23
CA ILE A 11 5.17 17.83 -14.61
C ILE A 11 3.68 18.08 -14.61
N GLY A 12 3.28 19.11 -15.36
CA GLY A 12 1.87 19.49 -15.48
C GLY A 12 1.45 19.50 -16.93
N ASN A 13 0.72 18.46 -17.35
CA ASN A 13 0.26 18.36 -18.74
C ASN A 13 -1.18 18.82 -18.90
N MET A 14 -1.42 19.85 -19.71
CA MET A 14 -2.75 20.44 -19.97
C MET A 14 -3.17 20.50 -21.44
N ASN A 15 -2.26 20.91 -22.33
CA ASN A 15 -2.55 21.13 -23.75
C ASN A 15 -2.45 19.86 -24.59
N TYR A 16 -3.33 18.91 -24.34
CA TYR A 16 -3.37 17.65 -25.07
C TYR A 16 -3.85 17.87 -26.48
N ARG A 17 -3.11 17.35 -27.46
CA ARG A 17 -3.46 17.50 -28.87
C ARG A 17 -4.65 16.68 -29.31
N GLU A 18 -4.81 15.48 -28.76
CA GLU A 18 -5.89 14.59 -29.14
C GLU A 18 -6.74 14.11 -27.97
N HIS A 19 -6.73 14.87 -26.85
CA HIS A 19 -7.48 14.49 -25.64
C HIS A 19 -8.01 15.74 -24.94
N PRO A 20 -9.04 15.62 -24.05
CA PRO A 20 -9.56 16.84 -23.37
C PRO A 20 -8.46 17.65 -22.69
N LYS A 21 -8.51 18.97 -22.82
CA LYS A 21 -7.52 19.85 -22.20
C LYS A 21 -7.76 19.97 -20.70
N LEU A 22 -6.70 20.18 -19.90
CA LEU A 22 -6.86 20.32 -18.46
C LEU A 22 -6.57 21.75 -17.97
N LYS A 23 -7.00 22.10 -16.75
CA LYS A 23 -6.79 23.45 -16.24
C LYS A 23 -5.92 23.53 -14.99
N ALA A 24 -6.27 22.73 -13.97
CA ALA A 24 -5.57 22.76 -12.69
C ALA A 24 -4.06 22.63 -12.72
N PRO A 25 -3.40 21.80 -13.60
CA PRO A 25 -1.95 21.66 -13.50
C PRO A 25 -1.16 22.95 -13.42
N LEU A 26 -1.55 24.03 -14.15
CA LEU A 26 -0.85 25.31 -14.14
C LEU A 26 -0.72 25.94 -12.73
N VAL A 27 -1.84 26.08 -12.02
CA VAL A 27 -1.82 26.64 -10.68
C VAL A 27 -1.20 25.68 -9.67
N ASP A 28 -1.50 24.38 -9.80
CA ASP A 28 -0.97 23.38 -8.87
C ASP A 28 0.57 23.16 -8.99
N VAL A 29 1.10 23.10 -10.22
CA VAL A 29 2.54 22.96 -10.42
C VAL A 29 3.25 24.23 -9.91
N TYR A 30 2.68 25.40 -10.16
CA TYR A 30 3.28 26.65 -9.73
C TYR A 30 3.35 26.73 -8.22
N GLU A 31 2.25 26.42 -7.55
CA GLU A 31 2.19 26.48 -6.09
C GLU A 31 2.98 25.36 -5.42
N LEU A 32 2.99 24.12 -5.99
CA LEU A 32 3.82 23.07 -5.41
C LEU A 32 5.29 23.42 -5.54
N THR A 33 5.71 24.00 -6.68
CA THR A 33 7.08 24.45 -6.88
C THR A 33 7.52 25.42 -5.75
N ASN A 34 6.70 26.46 -5.47
CA ASN A 34 6.97 27.42 -4.41
C ASN A 34 7.04 26.78 -3.02
N LEU A 35 6.18 25.78 -2.74
CA LEU A 35 6.22 25.12 -1.43
C LEU A 35 7.49 24.29 -1.29
N LEU A 36 7.85 23.52 -2.33
CA LEU A 36 9.05 22.70 -2.29
C LEU A 36 10.33 23.55 -2.26
N ARG A 37 10.29 24.79 -2.80
CA ARG A 37 11.42 25.71 -2.74
C ARG A 37 11.60 26.23 -1.32
N GLN A 38 10.50 26.43 -0.58
CA GLN A 38 10.56 26.82 0.83
C GLN A 38 11.20 25.70 1.69
N LEU A 39 11.09 24.44 1.24
CA LEU A 39 11.71 23.33 1.92
C LEU A 39 13.14 23.04 1.36
N ASP A 40 13.74 24.00 0.59
CA ASP A 40 15.08 23.92 0.00
C ASP A 40 15.24 22.77 -1.01
N PHE A 41 14.19 22.46 -1.77
CA PHE A 41 14.29 21.43 -2.80
C PHE A 41 14.78 22.09 -4.09
N LYS A 42 15.61 21.40 -4.86
CA LYS A 42 16.00 21.87 -6.17
C LYS A 42 14.82 21.42 -7.04
N VAL A 43 13.96 22.36 -7.46
CA VAL A 43 12.76 22.03 -8.24
C VAL A 43 12.89 22.27 -9.75
N VAL A 44 12.46 21.29 -10.56
CA VAL A 44 12.36 21.43 -12.00
C VAL A 44 10.88 21.30 -12.30
N SER A 45 10.24 22.38 -12.73
CA SER A 45 8.80 22.38 -12.97
C SER A 45 8.54 22.63 -14.43
N LEU A 46 7.91 21.66 -15.09
CA LEU A 46 7.69 21.73 -16.53
C LEU A 46 6.24 21.52 -16.91
N LEU A 47 5.76 22.30 -17.88
CA LEU A 47 4.40 22.16 -18.37
C LEU A 47 4.37 21.63 -19.79
N ASP A 48 3.30 20.90 -20.11
CA ASP A 48 2.97 20.38 -21.44
C ASP A 48 4.12 19.72 -22.12
N LEU A 49 4.40 18.48 -21.74
CA LEU A 49 5.51 17.76 -22.34
C LEU A 49 5.05 16.64 -23.27
N THR A 50 5.75 16.46 -24.39
CA THR A 50 5.52 15.35 -25.28
C THR A 50 6.16 14.08 -24.63
N GLU A 51 5.95 12.88 -25.22
CA GLU A 51 6.52 11.62 -24.73
C GLU A 51 8.04 11.72 -24.70
N TYR A 52 8.61 12.24 -25.80
CA TYR A 52 10.04 12.48 -26.00
C TYR A 52 10.57 13.46 -24.96
N GLU A 53 9.84 14.52 -24.67
CA GLU A 53 10.23 15.51 -23.66
C GLU A 53 10.14 14.99 -22.24
N MET A 54 9.12 14.20 -21.89
CA MET A 54 9.01 13.65 -20.54
C MET A 54 10.12 12.63 -20.28
N ARG A 55 10.46 11.78 -21.26
CA ARG A 55 11.56 10.82 -21.09
C ARG A 55 12.89 11.60 -20.90
N ASN A 56 13.07 12.71 -21.65
CA ASN A 56 14.26 13.54 -21.55
C ASN A 56 14.34 14.23 -20.20
N ALA A 57 13.21 14.76 -19.72
CA ALA A 57 13.12 15.42 -18.42
C ALA A 57 13.41 14.46 -17.27
N VAL A 58 12.92 13.20 -17.35
CA VAL A 58 13.13 12.17 -16.32
C VAL A 58 14.62 11.82 -16.25
N ASP A 59 15.30 11.75 -17.42
CA ASP A 59 16.73 11.48 -17.46
C ASP A 59 17.54 12.66 -16.90
N GLU A 60 17.05 13.90 -17.04
CA GLU A 60 17.73 15.06 -16.49
C GLU A 60 17.55 15.11 -14.98
N PHE A 61 16.35 14.77 -14.48
CA PHE A 61 16.05 14.66 -13.04
C PHE A 61 16.92 13.57 -12.37
N LEU A 62 17.07 12.42 -13.04
CA LEU A 62 17.85 11.31 -12.53
C LEU A 62 19.35 11.64 -12.40
N LEU A 63 19.87 12.57 -13.23
CA LEU A 63 21.27 12.98 -13.12
C LEU A 63 21.50 13.88 -11.86
N LEU A 64 20.43 14.53 -11.35
CA LEU A 64 20.43 15.35 -10.14
C LEU A 64 20.29 14.45 -8.84
N LEU A 65 20.03 13.14 -9.00
CA LEU A 65 19.88 12.22 -7.87
C LEU A 65 21.19 11.46 -7.61
N ASP A 66 21.45 11.14 -6.35
CA ASP A 66 22.60 10.38 -5.88
C ASP A 66 22.21 9.61 -4.59
N LYS A 67 23.16 8.81 -4.01
CA LYS A 67 22.92 8.05 -2.77
C LYS A 67 22.49 8.98 -1.64
N GLY A 68 21.38 8.65 -0.98
CA GLY A 68 20.86 9.44 0.14
C GLY A 68 20.07 10.69 -0.25
N VAL A 69 19.79 10.86 -1.55
CA VAL A 69 19.06 12.03 -2.03
C VAL A 69 17.57 11.80 -1.98
N TYR A 70 16.80 12.81 -1.55
CA TYR A 70 15.33 12.73 -1.50
C TYR A 70 14.80 13.11 -2.86
N GLY A 71 14.24 12.14 -3.57
CA GLY A 71 13.67 12.37 -4.87
C GLY A 71 12.16 12.42 -4.84
N LEU A 72 11.56 13.43 -5.51
CA LEU A 72 10.11 13.57 -5.54
C LEU A 72 9.61 13.77 -6.97
N LEU A 73 8.56 13.02 -7.33
CA LEU A 73 7.91 13.19 -8.63
C LEU A 73 6.50 13.63 -8.37
N TYR A 74 6.05 14.77 -8.93
CA TYR A 74 4.64 15.11 -8.88
C TYR A 74 4.18 15.22 -10.32
N TYR A 75 3.09 14.54 -10.65
CA TYR A 75 2.52 14.62 -11.99
C TYR A 75 1.05 14.94 -11.92
N ALA A 76 0.61 15.90 -12.73
CA ALA A 76 -0.80 16.28 -12.88
C ALA A 76 -1.10 16.29 -14.37
N GLY A 77 -2.11 15.55 -14.77
CA GLY A 77 -2.52 15.46 -16.16
C GLY A 77 -3.31 14.19 -16.41
N HIS A 78 -3.39 13.76 -17.67
CA HIS A 78 -4.07 12.50 -18.00
C HIS A 78 -3.18 11.33 -17.59
N GLY A 79 -3.78 10.36 -16.95
CA GLY A 79 -3.09 9.15 -16.52
C GLY A 79 -4.01 7.96 -16.49
N TYR A 80 -3.44 6.79 -16.27
CA TYR A 80 -4.22 5.55 -16.16
C TYR A 80 -3.50 4.51 -15.34
N GLU A 81 -4.23 3.51 -14.84
CA GLU A 81 -3.64 2.45 -14.06
C GLU A 81 -4.03 1.09 -14.56
N ASN A 82 -3.06 0.33 -15.08
CA ASN A 82 -3.30 -1.02 -15.60
C ASN A 82 -2.42 -2.00 -14.90
N PHE A 83 -3.00 -3.12 -14.45
CA PHE A 83 -2.31 -4.22 -13.79
C PHE A 83 -1.31 -3.79 -12.71
N GLY A 84 -1.73 -2.85 -11.86
CA GLY A 84 -0.92 -2.36 -10.76
C GLY A 84 -0.03 -1.20 -11.08
N ASN A 85 0.20 -0.92 -12.38
CA ASN A 85 1.10 0.15 -12.81
C ASN A 85 0.40 1.45 -13.24
N SER A 86 1.01 2.58 -12.91
CA SER A 86 0.48 3.89 -13.25
C SER A 86 1.20 4.48 -14.47
N PHE A 87 0.45 4.98 -15.45
CA PHE A 87 1.05 5.59 -16.64
C PHE A 87 0.71 7.07 -16.74
N MET A 88 1.68 7.85 -17.21
CA MET A 88 1.52 9.28 -17.38
C MET A 88 1.42 9.55 -18.85
N VAL A 89 0.29 10.11 -19.29
CA VAL A 89 -0.02 10.39 -20.68
C VAL A 89 0.55 11.74 -21.14
N PRO A 90 1.41 11.75 -22.17
CA PRO A 90 1.96 13.02 -22.66
C PRO A 90 0.98 13.77 -23.58
N VAL A 91 1.20 15.10 -23.74
CA VAL A 91 0.29 15.91 -24.53
C VAL A 91 0.22 15.55 -26.03
N ASP A 92 1.20 14.77 -26.55
CA ASP A 92 1.16 14.37 -27.95
C ASP A 92 0.63 12.94 -28.15
N ALA A 93 0.04 12.33 -27.10
CA ALA A 93 -0.44 10.96 -27.20
C ALA A 93 -1.61 10.87 -28.17
N PRO A 94 -1.62 9.82 -29.00
CA PRO A 94 -2.72 9.67 -29.96
C PRO A 94 -4.01 9.17 -29.29
N ASN A 95 -5.10 9.10 -30.05
CA ASN A 95 -6.36 8.61 -29.53
C ASN A 95 -6.84 7.48 -30.42
N PRO A 96 -6.84 6.22 -29.93
CA PRO A 96 -6.42 5.79 -28.59
C PRO A 96 -4.90 5.64 -28.42
N TYR A 97 -4.44 5.59 -27.15
CA TYR A 97 -3.02 5.43 -26.82
C TYR A 97 -2.74 4.12 -26.08
N ARG A 98 -1.47 3.73 -26.08
CA ARG A 98 -1.01 2.51 -25.42
C ARG A 98 0.13 2.83 -24.45
N SER A 99 0.69 1.80 -23.77
CA SER A 99 1.78 1.94 -22.78
C SER A 99 3.06 2.48 -23.40
N GLU A 100 3.33 2.13 -24.66
CA GLU A 100 4.51 2.61 -25.39
C GLU A 100 4.43 4.09 -25.72
N ASN A 101 3.24 4.71 -25.61
CA ASN A 101 3.03 6.15 -25.81
C ASN A 101 3.22 6.91 -24.48
N CYS A 102 3.06 6.22 -23.35
CA CYS A 102 3.11 6.82 -22.03
C CYS A 102 4.37 6.45 -21.23
N LEU A 103 4.57 7.08 -20.05
CA LEU A 103 5.69 6.80 -19.14
C LEU A 103 5.13 6.11 -17.93
N CYS A 104 5.65 4.93 -17.60
CA CYS A 104 5.23 4.16 -16.45
C CYS A 104 5.97 4.64 -15.18
N VAL A 105 5.22 4.94 -14.11
CA VAL A 105 5.83 5.47 -12.91
C VAL A 105 6.79 4.49 -12.26
N GLN A 106 6.43 3.20 -12.27
CA GLN A 106 7.26 2.16 -11.69
C GLN A 106 8.62 2.04 -12.38
N ASN A 107 8.68 2.38 -13.67
CA ASN A 107 9.92 2.37 -14.43
C ASN A 107 10.85 3.47 -13.95
N ILE A 108 10.27 4.65 -13.62
CA ILE A 108 11.00 5.80 -13.08
C ILE A 108 11.52 5.44 -11.68
N LEU A 109 10.67 4.87 -10.82
CA LEU A 109 11.03 4.45 -9.48
C LEU A 109 12.21 3.47 -9.51
N LYS A 110 12.17 2.50 -10.44
CA LYS A 110 13.26 1.53 -10.57
C LYS A 110 14.59 2.23 -10.88
N LEU A 111 14.56 3.26 -11.74
CA LEU A 111 15.74 4.05 -12.06
C LEU A 111 16.25 4.86 -10.85
N MET A 112 15.32 5.44 -10.10
CA MET A 112 15.65 6.16 -8.86
C MET A 112 16.32 5.23 -7.82
N GLN A 113 15.88 3.95 -7.72
CA GLN A 113 16.50 3.01 -6.78
C GLN A 113 17.93 2.66 -7.21
N GLU A 114 18.23 2.66 -8.51
CA GLU A 114 19.60 2.45 -8.99
C GLU A 114 20.54 3.60 -8.54
N LYS A 115 19.98 4.78 -8.30
CA LYS A 115 20.71 5.94 -7.81
C LYS A 115 20.92 5.90 -6.29
N GLU A 116 20.39 4.90 -5.58
CA GLU A 116 20.52 4.73 -4.14
C GLU A 116 19.92 5.87 -3.33
N THR A 117 18.88 6.51 -3.88
CA THR A 117 18.11 7.56 -3.22
C THR A 117 17.67 7.19 -1.79
N GLY A 118 17.63 8.18 -0.92
CA GLY A 118 17.26 8.02 0.48
C GLY A 118 15.76 8.04 0.67
N LEU A 119 15.05 8.77 -0.18
CA LEU A 119 13.58 8.82 -0.12
C LEU A 119 13.03 8.90 -1.53
N ASN A 120 11.93 8.17 -1.82
CA ASN A 120 11.28 8.29 -3.14
C ASN A 120 9.81 8.62 -2.95
N VAL A 121 9.37 9.86 -3.26
CA VAL A 121 7.96 10.28 -3.10
C VAL A 121 7.32 10.50 -4.46
N PHE A 122 6.19 9.86 -4.74
CA PHE A 122 5.46 10.07 -6.00
C PHE A 122 4.11 10.59 -5.62
N LEU A 123 3.75 11.79 -6.10
CA LEU A 123 2.44 12.40 -5.81
C LEU A 123 1.71 12.41 -7.13
N LEU A 124 0.91 11.40 -7.37
CA LEU A 124 0.22 11.20 -8.65
C LEU A 124 -1.18 11.79 -8.69
N ASP A 125 -1.30 12.96 -9.30
CA ASP A 125 -2.54 13.71 -9.43
C ASP A 125 -3.14 13.42 -10.81
N MET A 126 -3.81 12.27 -10.91
CA MET A 126 -4.39 11.80 -12.16
C MET A 126 -5.43 10.71 -11.89
N CYS A 127 -6.28 10.41 -12.89
CA CYS A 127 -7.28 9.38 -12.72
CA CYS A 127 -7.31 9.38 -12.81
C CYS A 127 -6.65 8.00 -12.75
N ARG A 128 -7.25 7.07 -12.02
CA ARG A 128 -6.69 5.73 -11.88
C ARG A 128 -7.54 4.67 -12.52
N LYS A 129 -8.15 4.97 -13.65
CA LYS A 129 -8.98 3.99 -14.35
C LYS A 129 -8.13 3.24 -15.36
N ARG A 130 -8.59 2.05 -15.77
CA ARG A 130 -7.93 1.25 -16.79
C ARG A 130 -8.04 1.92 -18.18
N ASN A 131 -7.00 1.75 -18.99
CA ASN A 131 -7.01 2.18 -20.39
C ASN A 131 -7.39 0.89 -21.09
N ASP A 132 -8.63 0.80 -21.59
CA ASP A 132 -9.09 -0.43 -22.21
C ASP A 132 -8.42 -0.75 -23.58
N TYR A 133 -7.54 0.13 -24.05
CA TYR A 133 -6.82 -0.08 -25.30
C TYR A 133 -5.38 -0.62 -25.12
N ASP A 134 -4.93 -0.75 -23.87
CA ASP A 134 -3.61 -1.25 -23.55
C ASP A 134 -3.63 -2.76 -23.19
N ASP A 135 -3.36 -3.61 -24.19
CA ASP A 135 -3.33 -5.08 -24.04
C ASP A 135 -2.06 -5.62 -23.36
N THR A 136 -1.10 -4.75 -23.09
CA THR A 136 0.20 -5.07 -22.53
C THR A 136 0.16 -5.60 -21.07
N ILE A 137 0.73 -6.78 -20.85
CA ILE A 137 0.80 -7.39 -19.52
C ILE A 137 2.23 -7.10 -19.00
N PRO A 138 2.40 -6.38 -17.87
CA PRO A 138 3.76 -6.10 -17.36
C PRO A 138 4.64 -7.36 -17.19
N ILE A 139 5.95 -7.21 -17.39
CA ILE A 139 6.91 -8.32 -17.34
C ILE A 139 6.84 -9.07 -16.00
N LEU A 140 7.21 -8.46 -14.86
CA LEU A 140 7.88 -7.18 -14.63
C LEU A 140 9.11 -7.44 -13.74
N ASP A 141 10.09 -6.53 -13.74
CA ASP A 141 11.29 -6.72 -12.92
C ASP A 141 10.92 -6.44 -11.48
N ALA A 142 11.00 -7.45 -10.60
CA ALA A 142 10.66 -7.27 -9.20
C ALA A 142 11.61 -6.26 -8.53
N LEU A 143 11.07 -5.07 -8.19
CA LEU A 143 11.75 -3.93 -7.56
C LEU A 143 12.57 -4.28 -6.30
N LYS A 144 13.70 -3.59 -6.04
CA LYS A 144 14.50 -3.82 -4.83
C LYS A 144 13.67 -3.37 -3.60
N VAL A 145 13.96 -3.99 -2.46
CA VAL A 145 13.29 -3.64 -1.21
C VAL A 145 14.16 -2.54 -0.62
N THR A 146 13.79 -1.29 -0.90
CA THR A 146 14.58 -0.16 -0.43
C THR A 146 13.97 0.48 0.84
N ALA A 147 12.68 0.17 1.16
CA ALA A 147 11.96 0.63 2.37
C ALA A 147 11.92 2.13 2.51
N ASN A 148 11.78 2.84 1.37
CA ASN A 148 11.80 4.29 1.32
C ASN A 148 10.88 4.85 0.23
N ILE A 149 9.83 4.11 -0.15
CA ILE A 149 8.95 4.50 -1.20
C ILE A 149 7.60 4.97 -0.65
N VAL A 150 7.18 6.16 -1.05
CA VAL A 150 5.88 6.67 -0.69
C VAL A 150 5.10 7.13 -1.91
N PHE A 151 3.92 6.56 -2.15
CA PHE A 151 3.02 7.03 -3.21
C PHE A 151 1.89 7.79 -2.55
N GLY A 152 1.54 8.91 -3.15
CA GLY A 152 0.41 9.71 -2.74
C GLY A 152 -0.50 9.84 -3.93
N TYR A 153 -1.56 9.05 -4.00
CA TYR A 153 -2.50 9.11 -5.13
C TYR A 153 -3.62 10.09 -4.83
N ALA A 154 -3.97 10.95 -5.81
CA ALA A 154 -5.07 11.91 -5.66
C ALA A 154 -6.41 11.23 -5.45
N THR A 155 -6.58 10.00 -5.98
CA THR A 155 -7.81 9.24 -5.87
C THR A 155 -7.54 7.73 -5.60
N CYS A 156 -8.60 6.96 -5.35
CA CYS A 156 -8.51 5.52 -5.19
C CYS A 156 -8.46 4.84 -6.56
N GLN A 157 -8.10 3.55 -6.57
CA GLN A 157 -7.95 2.74 -7.77
C GLN A 157 -9.29 2.53 -8.46
N GLY A 158 -9.34 2.77 -9.77
CA GLY A 158 -10.56 2.63 -10.56
C GLY A 158 -11.54 3.80 -10.43
N ALA A 159 -11.09 4.90 -9.83
CA ALA A 159 -11.91 6.09 -9.64
C ALA A 159 -11.34 7.29 -10.42
N GLU A 160 -12.16 8.34 -10.64
CA GLU A 160 -11.67 9.52 -11.36
C GLU A 160 -11.17 10.61 -10.39
N ALA A 161 -10.18 11.40 -10.84
CA ALA A 161 -9.61 12.51 -10.08
C ALA A 161 -10.06 13.82 -10.73
N PHE A 162 -11.41 13.98 -10.85
CA PHE A 162 -12.10 15.12 -11.46
C PHE A 162 -11.69 16.45 -10.85
N GLU A 163 -11.76 17.55 -11.62
CA GLU A 163 -11.42 18.88 -11.08
C GLU A 163 -12.66 19.78 -10.92
N ILE A 164 -12.54 20.84 -10.10
CA ILE A 164 -13.66 21.75 -9.83
C ILE A 164 -13.77 22.83 -10.91
N ALA A 170 -8.06 28.73 -9.61
CA ALA A 170 -8.42 27.69 -8.64
C ALA A 170 -7.58 26.44 -8.72
N ASN A 171 -7.20 25.92 -7.55
CA ASN A 171 -6.46 24.68 -7.34
C ASN A 171 -7.35 23.47 -7.56
N GLY A 172 -6.73 22.36 -7.96
CA GLY A 172 -7.38 21.05 -8.00
C GLY A 172 -7.55 20.53 -6.57
N ILE A 173 -8.41 19.53 -6.35
CA ILE A 173 -8.72 19.04 -5.00
C ILE A 173 -7.48 18.60 -4.19
N PHE A 174 -6.67 17.68 -4.73
CA PHE A 174 -5.44 17.17 -4.13
C PHE A 174 -4.50 18.33 -3.68
N MET A 175 -4.18 19.28 -4.58
CA MET A 175 -3.29 20.38 -4.22
C MET A 175 -3.90 21.34 -3.19
N LYS A 176 -5.22 21.50 -3.20
CA LYS A 176 -5.91 22.36 -2.25
C LYS A 176 -5.69 21.82 -0.82
N PHE A 177 -5.81 20.50 -0.63
CA PHE A 177 -5.61 19.89 0.68
C PHE A 177 -4.12 19.74 1.05
N LEU A 178 -3.28 19.49 0.06
CA LEU A 178 -1.83 19.28 0.19
C LEU A 178 -1.09 20.55 0.60
N LYS A 179 -1.56 21.70 0.11
CA LYS A 179 -1.02 23.03 0.36
C LYS A 179 -1.02 23.42 1.84
N ASP A 180 -2.11 23.09 2.58
CA ASP A 180 -2.22 23.40 4.00
C ASP A 180 -1.27 22.58 4.86
N ARG A 181 -0.84 21.41 4.39
CA ARG A 181 -0.06 20.49 5.20
C ARG A 181 1.40 20.25 4.83
N LEU A 182 1.75 20.36 3.55
CA LEU A 182 3.09 20.06 3.04
C LEU A 182 4.28 20.69 3.78
N LEU A 183 4.08 21.83 4.45
CA LEU A 183 5.17 22.49 5.14
C LEU A 183 5.49 21.97 6.52
N GLU A 184 4.66 21.05 7.08
CA GLU A 184 4.83 20.55 8.43
C GLU A 184 5.98 19.58 8.63
N ASP A 185 6.63 19.66 9.82
CA ASP A 185 7.74 18.78 10.19
C ASP A 185 7.20 17.43 10.67
N LYS A 186 6.54 16.71 9.78
CA LYS A 186 5.96 15.41 10.02
C LYS A 186 6.51 14.45 8.97
N LYS A 187 6.69 13.16 9.34
CA LYS A 187 7.10 12.08 8.44
C LYS A 187 6.13 12.06 7.27
N ILE A 188 6.64 12.01 6.04
CA ILE A 188 5.81 12.14 4.85
C ILE A 188 4.58 11.20 4.84
N THR A 189 4.71 9.95 5.33
CA THR A 189 3.57 9.03 5.38
C THR A 189 2.47 9.54 6.35
N VAL A 190 2.88 10.05 7.52
CA VAL A 190 2.01 10.62 8.53
C VAL A 190 1.34 11.91 7.97
N LEU A 191 2.13 12.77 7.31
CA LEU A 191 1.63 14.01 6.73
C LEU A 191 0.57 13.70 5.65
N LEU A 192 0.86 12.75 4.75
CA LEU A 192 -0.07 12.38 3.70
C LEU A 192 -1.37 11.80 4.25
N ASP A 193 -1.27 11.06 5.33
CA ASP A 193 -2.38 10.46 6.04
C ASP A 193 -3.30 11.52 6.70
N GLU A 194 -2.74 12.63 7.18
CA GLU A 194 -3.55 13.72 7.73
C GLU A 194 -4.27 14.46 6.63
N VAL A 195 -3.65 14.59 5.45
CA VAL A 195 -4.26 15.19 4.26
C VAL A 195 -5.48 14.35 3.85
N ALA A 196 -5.37 13.01 3.92
CA ALA A 196 -6.48 12.11 3.61
C ALA A 196 -7.66 12.33 4.61
N GLU A 197 -7.36 12.62 5.88
CA GLU A 197 -8.37 12.94 6.89
C GLU A 197 -9.03 14.31 6.63
N ASP A 198 -8.25 15.28 6.13
CA ASP A 198 -8.76 16.60 5.77
C ASP A 198 -9.75 16.46 4.62
N MET A 199 -9.43 15.62 3.62
CA MET A 199 -10.34 15.41 2.49
C MET A 199 -11.62 14.69 2.92
N GLY A 200 -11.50 13.80 3.89
CA GLY A 200 -12.66 13.09 4.40
C GLY A 200 -13.53 13.95 5.28
N LYS A 201 -12.94 14.93 5.95
CA LYS A 201 -13.67 15.85 6.83
C LYS A 201 -14.48 16.88 6.04
N CYS A 202 -13.92 17.33 4.91
CA CYS A 202 -14.59 18.33 4.09
C CYS A 202 -15.83 17.80 3.39
N HIS A 203 -16.96 18.47 3.63
CA HIS A 203 -18.30 18.17 3.10
C HIS A 203 -18.39 17.94 1.57
N LEU A 204 -17.76 18.82 0.76
CA LEU A 204 -17.88 18.70 -0.69
C LEU A 204 -16.90 17.73 -1.36
N THR A 205 -16.05 17.06 -0.59
CA THR A 205 -15.11 16.07 -1.15
C THR A 205 -15.33 14.67 -0.53
N LYS A 206 -15.90 14.59 0.68
CA LYS A 206 -16.19 13.34 1.37
C LYS A 206 -17.15 12.46 0.54
N GLY A 207 -16.71 11.26 0.21
CA GLY A 207 -17.51 10.33 -0.58
C GLY A 207 -17.18 10.36 -2.07
N LYS A 208 -16.91 11.56 -2.62
CA LYS A 208 -16.58 11.73 -4.03
C LYS A 208 -15.10 11.44 -4.38
N GLN A 209 -14.17 11.88 -3.52
CA GLN A 209 -12.74 11.63 -3.76
C GLN A 209 -12.02 11.32 -2.46
N ALA A 210 -11.15 10.31 -2.49
CA ALA A 210 -10.38 9.93 -1.32
C ALA A 210 -8.93 9.69 -1.70
N LEU A 211 -8.00 10.18 -0.90
CA LEU A 211 -6.58 9.97 -1.15
C LEU A 211 -6.22 8.52 -0.88
N GLU A 212 -5.29 7.97 -1.66
CA GLU A 212 -4.76 6.66 -1.36
C GLU A 212 -3.26 6.78 -1.11
N ILE A 213 -2.77 6.18 -0.02
CA ILE A 213 -1.37 6.20 0.37
C ILE A 213 -0.84 4.80 0.35
N ARG A 214 0.20 4.59 -0.39
CA ARG A 214 0.85 3.30 -0.53
C ARG A 214 2.26 3.60 -0.04
N SER A 215 2.78 2.83 0.91
CA SER A 215 4.07 3.16 1.50
C SER A 215 4.83 2.03 2.10
N SER A 216 6.12 2.01 1.84
CA SER A 216 7.05 1.10 2.47
C SER A 216 8.16 1.87 3.20
N LEU A 217 8.01 3.19 3.44
CA LEU A 217 8.98 3.95 4.19
C LEU A 217 9.10 3.42 5.65
N SER A 218 10.31 2.98 6.03
CA SER A 218 10.60 2.45 7.35
C SER A 218 11.46 3.36 8.24
N GLU A 219 11.72 4.58 7.82
CA GLU A 219 12.52 5.56 8.55
C GLU A 219 11.72 6.86 8.68
N LYS A 220 12.03 7.68 9.71
CA LYS A 220 11.29 8.91 9.95
C LYS A 220 11.70 10.05 9.03
N ARG A 221 11.54 9.85 7.72
CA ARG A 221 11.95 10.85 6.74
C ARG A 221 10.80 11.78 6.34
N ALA A 222 11.07 13.08 6.38
CA ALA A 222 10.14 14.16 6.14
C ALA A 222 10.66 15.09 5.05
N LEU A 223 9.76 15.67 4.22
CA LEU A 223 10.20 16.65 3.21
C LEU A 223 10.87 17.89 3.86
N THR A 224 10.77 18.05 5.20
CA THR A 224 11.38 19.15 5.93
C THR A 224 12.75 18.81 6.48
N ASP A 225 13.29 17.60 6.22
CA ASP A 225 14.60 17.24 6.76
C ASP A 225 15.71 18.14 6.25
N PRO A 226 16.68 18.48 7.10
CA PRO A 226 17.79 19.33 6.65
C PRO A 226 18.74 18.61 5.69
N ILE A 227 19.39 19.36 4.81
CA ILE A 227 20.36 18.84 3.87
C ILE A 227 21.76 18.86 4.51
N GLN A 228 22.49 17.73 4.41
CA GLN A 228 23.83 17.60 4.96
C GLN A 228 24.84 18.49 4.22
N GLY A 229 25.94 18.80 4.89
CA GLY A 229 27.00 19.64 4.34
C GLY A 229 27.54 19.19 3.00
N THR A 230 28.28 20.09 2.31
CA THR A 230 28.87 19.86 1.00
C THR A 230 29.63 18.53 0.88
N GLU A 231 29.28 17.77 -0.16
CA GLU A 231 29.91 16.50 -0.51
C GLU A 231 31.03 16.86 -1.50
N TYR A 232 32.27 16.38 -1.24
CA TYR A 232 33.39 16.70 -2.11
C TYR A 232 33.77 15.52 -3.01
N SER A 233 33.23 15.48 -4.23
CA SER A 233 33.51 14.40 -5.19
C SER A 233 33.34 14.83 -6.65
N ALA A 234 33.88 14.02 -7.58
CA ALA A 234 33.74 14.27 -9.02
C ALA A 234 32.26 14.10 -9.51
N GLU A 235 31.36 13.62 -8.62
CA GLU A 235 29.93 13.40 -8.87
C GLU A 235 29.13 14.60 -8.37
N SER A 236 29.50 15.15 -7.20
CA SER A 236 28.81 16.32 -6.65
C SER A 236 29.20 17.61 -7.43
N LEU A 237 30.37 17.62 -8.07
CA LEU A 237 30.80 18.75 -8.87
C LEU A 237 30.05 18.78 -10.21
N VAL A 238 29.61 17.63 -10.74
CA VAL A 238 28.86 17.56 -11.99
C VAL A 238 27.41 17.97 -11.74
N ARG A 239 26.79 17.38 -10.69
CA ARG A 239 25.42 17.59 -10.27
C ARG A 239 25.07 19.02 -9.88
N ASN A 240 26.02 19.75 -9.29
CA ASN A 240 25.78 21.10 -8.88
C ASN A 240 26.01 22.09 -10.01
N LEU A 241 27.02 21.84 -10.86
CA LEU A 241 27.30 22.70 -12.02
C LEU A 241 26.30 22.50 -13.17
N GLN A 242 25.37 21.54 -13.03
CA GLN A 242 24.28 21.26 -13.94
C GLN A 242 23.07 22.03 -13.41
N TRP A 243 22.85 22.02 -12.07
CA TRP A 243 21.77 22.75 -11.40
C TRP A 243 22.00 24.26 -11.48
N ALA A 244 23.27 24.70 -11.38
CA ALA A 244 23.59 26.14 -11.48
C ALA A 244 23.24 26.72 -12.85
N LYS A 245 23.11 25.87 -13.88
CA LYS A 245 22.74 26.32 -15.22
C LYS A 245 21.26 26.08 -15.55
N ALA A 246 20.47 25.55 -14.61
CA ALA A 246 19.09 25.19 -14.89
C ALA A 246 18.13 26.38 -15.03
N HIS A 247 18.28 27.42 -14.21
CA HIS A 247 17.32 28.51 -14.17
C HIS A 247 17.93 29.88 -14.39
N GLU A 248 18.77 29.99 -15.42
CA GLU A 248 19.37 31.28 -15.74
C GLU A 248 18.42 32.09 -16.60
N LEU A 249 18.13 33.29 -16.14
CA LEU A 249 17.19 34.19 -16.76
C LEU A 249 17.96 35.31 -17.46
N PRO A 250 17.53 35.68 -18.68
CA PRO A 250 18.23 36.75 -19.40
C PRO A 250 18.17 38.08 -18.63
N GLU A 251 19.26 38.84 -18.66
CA GLU A 251 19.32 40.12 -17.98
C GLU A 251 18.53 41.15 -18.79
N SER A 252 17.81 42.05 -18.09
CA SER A 252 17.02 43.11 -18.70
C SER A 252 17.93 43.99 -19.57
N MET A 253 17.55 44.20 -20.85
CA MET A 253 18.38 44.97 -21.76
C MET A 253 17.68 46.19 -22.31
N CYS A 254 18.48 47.21 -22.65
CA CYS A 254 17.93 48.42 -23.24
C CYS A 254 18.36 48.53 -24.70
N LEU A 255 17.37 48.72 -25.57
CA LEU A 255 17.58 48.81 -27.00
C LEU A 255 17.39 50.24 -27.44
N LYS A 256 18.37 50.79 -28.16
CA LYS A 256 18.25 52.15 -28.69
C LYS A 256 18.05 52.06 -30.21
N PHE A 257 17.10 52.82 -30.75
CA PHE A 257 16.82 52.75 -32.19
C PHE A 257 17.41 53.93 -32.94
N LYS A 258 17.49 53.84 -34.28
CA LYS A 258 18.07 54.94 -35.08
C LYS A 258 17.22 56.23 -35.02
N CYS A 259 15.91 56.11 -34.73
CA CYS A 259 14.99 57.25 -34.59
C CYS A 259 15.07 57.89 -33.16
N GLY A 260 15.84 57.31 -32.25
CA GLY A 260 16.02 57.84 -30.91
C GLY A 260 15.22 57.19 -29.80
N VAL A 261 14.35 56.24 -30.15
CA VAL A 261 13.49 55.54 -29.20
C VAL A 261 14.29 54.57 -28.35
N GLN A 262 13.96 54.50 -27.05
CA GLN A 262 14.60 53.57 -26.13
C GLN A 262 13.58 52.57 -25.56
N ILE A 263 13.85 51.27 -25.74
CA ILE A 263 12.94 50.24 -25.28
C ILE A 263 13.61 49.28 -24.30
N GLN A 264 12.96 49.04 -23.17
CA GLN A 264 13.48 48.09 -22.20
C GLN A 264 12.86 46.71 -22.50
N LEU A 265 13.70 45.71 -22.61
CA LEU A 265 13.31 44.32 -22.85
C LEU A 265 13.54 43.58 -21.54
N GLY A 266 12.48 43.04 -20.97
CA GLY A 266 12.54 42.32 -19.71
C GLY A 266 12.10 40.87 -19.82
N PHE A 267 12.52 40.04 -18.86
CA PHE A 267 12.24 38.59 -18.84
C PHE A 267 11.87 38.12 -17.43
N ALA A 268 10.92 37.21 -17.31
CA ALA A 268 10.55 36.66 -16.00
C ALA A 268 10.32 35.17 -16.09
N ALA A 269 10.76 34.41 -15.06
CA ALA A 269 10.54 32.97 -15.05
C ALA A 269 9.20 32.70 -14.39
N GLU A 270 8.41 31.83 -15.01
CA GLU A 270 7.11 31.39 -14.54
C GLU A 270 7.25 29.88 -14.20
N PHE A 271 7.91 29.12 -15.07
CA PHE A 271 8.22 27.71 -14.91
C PHE A 271 9.66 27.44 -15.42
N SER A 272 10.18 26.21 -15.25
CA SER A 272 11.51 25.87 -15.79
C SER A 272 11.52 26.01 -17.31
N ASN A 273 10.40 25.75 -17.98
CA ASN A 273 10.31 25.86 -19.42
C ASN A 273 9.38 26.98 -19.88
N VAL A 274 8.97 27.91 -18.97
CA VAL A 274 8.06 29.00 -19.32
C VAL A 274 8.62 30.37 -18.88
N MET A 275 8.83 31.28 -19.85
CA MET A 275 9.36 32.59 -19.57
C MET A 275 8.50 33.65 -20.25
N ILE A 276 8.21 34.74 -19.53
CA ILE A 276 7.48 35.87 -20.07
C ILE A 276 8.50 36.90 -20.51
N ILE A 277 8.31 37.49 -21.68
CA ILE A 277 9.12 38.57 -22.23
C ILE A 277 8.20 39.79 -22.22
N TYR A 278 8.68 40.93 -21.70
CA TYR A 278 7.88 42.15 -21.67
C TYR A 278 8.68 43.33 -22.22
N THR A 279 8.03 44.22 -22.99
CA THR A 279 8.71 45.37 -23.59
C THR A 279 8.11 46.67 -23.10
N LYS A 280 8.92 47.59 -22.57
CA LYS A 280 8.42 48.89 -22.14
C LYS A 280 9.04 50.03 -22.98
N ILE A 281 8.27 51.07 -23.35
CA ILE A 281 8.82 52.20 -24.10
C ILE A 281 9.54 53.14 -23.13
N ALA A 293 6.27 48.88 -30.04
CA ALA A 293 7.32 47.90 -29.78
C ALA A 293 6.77 46.50 -29.52
N TYR A 294 6.79 45.68 -30.56
CA TYR A 294 6.34 44.31 -30.48
C TYR A 294 7.45 43.33 -30.86
N VAL A 295 7.43 42.12 -30.30
CA VAL A 295 8.41 41.10 -30.61
C VAL A 295 7.84 40.12 -31.66
N THR A 296 8.70 39.63 -32.57
CA THR A 296 8.34 38.69 -33.65
C THR A 296 9.58 37.82 -34.06
N ASP A 297 9.40 36.88 -35.04
CA ASP A 297 10.44 36.06 -35.62
C ASP A 297 11.14 35.20 -34.62
N PHE A 298 10.35 34.59 -33.73
CA PHE A 298 10.86 33.68 -32.71
C PHE A 298 11.24 32.36 -33.37
N PRO A 299 12.19 31.57 -32.82
CA PRO A 299 12.52 30.27 -33.45
C PRO A 299 11.27 29.40 -33.68
N LEU A 300 11.19 28.75 -34.85
CA LEU A 300 10.04 27.95 -35.28
C LEU A 300 9.70 26.78 -34.33
N ASP A 301 10.72 26.18 -33.69
CA ASP A 301 10.48 25.07 -32.75
C ASP A 301 9.68 25.49 -31.52
N LEU A 302 9.77 26.77 -31.13
CA LEU A 302 9.01 27.29 -30.00
C LEU A 302 7.50 27.34 -30.27
N ASP A 303 7.11 27.38 -31.57
CA ASP A 303 5.71 27.43 -32.02
C ASP A 303 4.95 28.57 -31.36
N ILE A 304 5.49 29.77 -31.47
CA ILE A 304 4.87 30.95 -30.87
C ILE A 304 3.94 31.62 -31.86
N ASP A 305 2.62 31.43 -31.62
CA ASP A 305 1.54 31.99 -32.45
C ASP A 305 1.52 33.50 -32.23
N PRO A 306 1.83 34.30 -33.26
CA PRO A 306 1.84 35.76 -33.10
C PRO A 306 0.54 36.35 -32.55
N LYS A 307 -0.57 35.63 -32.70
CA LYS A 307 -1.89 36.01 -32.21
C LYS A 307 -2.00 35.96 -30.68
N ASP A 308 -1.10 35.20 -30.01
CA ASP A 308 -1.06 35.11 -28.55
C ASP A 308 -0.01 36.07 -27.94
N ALA A 309 0.96 36.53 -28.74
CA ALA A 309 2.06 37.39 -28.31
C ALA A 309 1.66 38.85 -28.21
N ASN A 310 2.44 39.67 -27.47
CA ASN A 310 2.27 41.13 -27.36
C ASN A 310 0.89 41.53 -26.82
N LYS A 311 0.56 41.03 -25.64
CA LYS A 311 -0.72 41.29 -24.99
C LYS A 311 -0.56 42.44 -24.02
N GLY A 312 -1.59 43.27 -23.88
CA GLY A 312 -1.54 44.39 -22.95
C GLY A 312 -1.42 43.97 -21.49
N THR A 313 -1.63 42.70 -21.19
CA THR A 313 -1.62 42.17 -19.82
C THR A 313 -1.09 40.72 -19.84
N PRO A 314 -0.33 40.27 -18.82
CA PRO A 314 0.16 38.87 -18.83
C PRO A 314 -0.93 37.81 -18.73
N GLU A 315 -2.07 38.14 -18.12
CA GLU A 315 -3.24 37.26 -18.02
C GLU A 315 -3.81 36.88 -19.40
N GLU A 316 -3.61 37.73 -20.41
CA GLU A 316 -4.07 37.43 -21.77
C GLU A 316 -3.15 36.45 -22.51
N THR A 317 -1.92 36.25 -22.03
CA THR A 317 -1.00 35.27 -22.60
C THR A 317 -1.27 33.85 -22.07
N GLY A 318 -2.05 33.71 -20.99
CA GLY A 318 -2.34 32.45 -20.32
C GLY A 318 -1.43 32.17 -19.13
N SER A 319 -0.73 33.21 -18.68
CA SER A 319 0.20 33.12 -17.59
C SER A 319 -0.46 32.95 -16.24
N TYR A 320 0.27 32.33 -15.32
CA TYR A 320 -0.12 32.24 -13.92
C TYR A 320 0.00 33.69 -13.35
N LEU A 321 1.07 34.42 -13.73
CA LEU A 321 1.36 35.76 -13.29
C LEU A 321 0.33 36.80 -13.73
N VAL A 322 0.09 37.76 -12.85
CA VAL A 322 -0.84 38.85 -13.10
C VAL A 322 -0.07 40.18 -13.20
N SER A 323 -0.75 41.26 -13.66
CA SER A 323 -0.15 42.59 -13.85
C SER A 323 0.66 43.05 -12.65
N LYS A 324 0.13 42.82 -11.43
CA LYS A 324 0.73 43.19 -10.14
C LYS A 324 2.10 42.54 -9.87
N ASP A 325 2.33 41.32 -10.35
CA ASP A 325 3.59 40.63 -10.11
C ASP A 325 4.78 41.16 -10.93
N LEU A 326 4.52 41.84 -12.05
CA LEU A 326 5.58 42.34 -12.92
C LEU A 326 5.73 43.88 -12.85
N CYS A 330 3.42 47.78 -20.31
CA CYS A 330 4.23 47.15 -21.37
C CYS A 330 3.42 46.13 -22.21
N LEU A 331 4.09 45.34 -23.08
CA LEU A 331 3.48 44.28 -23.88
C LEU A 331 4.10 42.96 -23.45
N TYR A 332 3.28 41.94 -23.22
CA TYR A 332 3.75 40.68 -22.69
C TYR A 332 3.64 39.52 -23.70
N THR A 333 4.64 38.65 -23.72
CA THR A 333 4.68 37.49 -24.61
C THR A 333 5.10 36.28 -23.79
N ARG A 334 4.28 35.24 -23.79
CA ARG A 334 4.56 34.03 -23.04
C ARG A 334 5.26 32.98 -23.91
N LEU A 335 6.53 32.62 -23.56
CA LEU A 335 7.33 31.59 -24.24
C LEU A 335 7.24 30.32 -23.37
N SER A 336 6.29 29.43 -23.64
CA SER A 336 6.06 28.28 -22.78
C SER A 336 6.62 26.94 -23.23
N SER A 337 7.43 26.92 -24.28
CA SER A 337 7.98 25.65 -24.74
C SER A 337 9.48 25.69 -24.82
N LEU A 338 10.12 26.27 -23.82
CA LEU A 338 11.55 26.41 -23.78
C LEU A 338 12.31 25.10 -23.93
N GLN A 339 11.70 23.96 -23.62
CA GLN A 339 12.34 22.66 -23.75
C GLN A 339 12.56 22.23 -25.21
N LYS A 340 11.81 22.83 -26.16
CA LYS A 340 11.97 22.53 -27.58
C LYS A 340 13.05 23.40 -28.25
N LEU A 341 13.62 24.38 -27.53
CA LEU A 341 14.64 25.28 -28.05
C LEU A 341 15.96 24.51 -28.18
N LYS A 342 16.31 24.14 -29.41
CA LYS A 342 17.52 23.37 -29.67
C LYS A 342 18.72 24.27 -29.98
N GLU A 343 18.49 25.47 -30.50
CA GLU A 343 19.54 26.44 -30.80
C GLU A 343 19.35 27.70 -29.89
N GLU A 344 20.14 28.78 -30.04
CA GLU A 344 19.98 29.98 -29.20
C GLU A 344 18.65 30.70 -29.48
N LEU A 345 18.15 31.47 -28.49
CA LEU A 345 16.91 32.24 -28.63
C LEU A 345 17.20 33.60 -29.26
N VAL A 346 16.91 33.69 -30.56
CA VAL A 346 17.07 34.88 -31.36
C VAL A 346 15.70 35.31 -31.82
N PHE A 347 15.35 36.59 -31.58
CA PHE A 347 14.07 37.15 -31.99
C PHE A 347 14.22 38.63 -32.37
N THR A 348 13.19 39.22 -33.00
CA THR A 348 13.25 40.60 -33.42
C THR A 348 12.34 41.50 -32.59
N VAL A 349 12.85 42.65 -32.20
CA VAL A 349 12.07 43.69 -31.54
C VAL A 349 11.73 44.73 -32.63
N CYS A 350 10.47 44.71 -33.09
CA CYS A 350 10.00 45.63 -34.11
C CYS A 350 9.46 46.89 -33.49
N LEU A 351 9.66 48.03 -34.18
CA LEU A 351 9.23 49.34 -33.74
C LEU A 351 8.48 50.07 -34.86
N SER A 352 7.19 50.34 -34.66
CA SER A 352 6.40 51.06 -35.65
C SER A 352 6.04 52.45 -35.14
N TYR A 353 6.33 53.49 -35.92
CA TYR A 353 6.12 54.86 -35.50
C TYR A 353 5.64 55.82 -36.59
N GLN A 354 4.88 56.82 -36.17
CA GLN A 354 4.37 57.88 -37.03
C GLN A 354 4.98 59.22 -36.60
N VAL A 362 9.08 54.63 -40.40
CA VAL A 362 7.78 54.11 -40.03
C VAL A 362 7.94 52.72 -39.43
N GLU A 363 8.79 51.88 -40.04
CA GLU A 363 9.01 50.53 -39.49
C GLU A 363 10.49 50.15 -39.43
N ASP A 364 11.03 49.97 -38.22
CA ASP A 364 12.42 49.56 -38.00
C ASP A 364 12.50 48.30 -37.10
N LYS A 365 13.58 47.53 -37.24
CA LYS A 365 13.77 46.30 -36.51
C LYS A 365 15.18 46.13 -35.94
N GLN A 366 15.26 45.40 -34.82
CA GLN A 366 16.51 45.11 -34.13
C GLN A 366 16.45 43.70 -33.60
N GLU A 367 17.40 42.86 -34.02
CA GLU A 367 17.51 41.46 -33.63
C GLU A 367 18.17 41.35 -32.25
N VAL A 368 17.69 40.43 -31.41
CA VAL A 368 18.18 40.24 -30.06
C VAL A 368 18.49 38.75 -29.83
N ASN A 369 19.67 38.45 -29.21
CA ASN A 369 20.07 37.08 -28.86
C ASN A 369 20.22 36.96 -27.33
N VAL A 370 19.42 36.06 -26.72
CA VAL A 370 19.40 35.85 -25.28
C VAL A 370 19.81 34.41 -24.86
N GLY A 371 20.60 33.75 -25.69
CA GLY A 371 21.13 32.42 -25.41
C GLY A 371 20.06 31.37 -25.20
N LYS A 372 20.29 30.43 -24.28
CA LYS A 372 19.32 29.40 -23.98
C LYS A 372 18.78 29.61 -22.56
N PRO A 373 17.64 30.32 -22.42
CA PRO A 373 17.13 30.62 -21.08
C PRO A 373 16.51 29.43 -20.36
N LEU A 374 16.59 29.46 -19.03
CA LEU A 374 16.02 28.49 -18.12
C LEU A 374 16.39 27.02 -18.54
N ILE A 375 15.44 26.06 -18.54
CA ILE A 375 15.70 24.66 -18.87
C ILE A 375 16.34 24.45 -20.26
N ALA A 376 16.30 25.45 -21.16
CA ALA A 376 16.89 25.30 -22.49
C ALA A 376 18.42 25.14 -22.40
N LYS A 377 19.07 25.76 -21.40
CA LYS A 377 20.53 25.63 -21.22
C LYS A 377 20.99 24.22 -20.82
N LEU A 378 20.06 23.37 -20.37
CA LEU A 378 20.38 22.02 -19.97
C LEU A 378 20.49 21.04 -21.14
N ASP A 379 19.96 21.41 -22.34
CA ASP A 379 20.00 20.59 -23.55
C ASP A 379 19.50 19.16 -23.29
N MET A 380 18.27 19.03 -22.75
CA MET A 380 17.67 17.75 -22.41
C MET A 380 17.52 16.82 -23.61
N HIS A 381 17.43 17.39 -24.83
CA HIS A 381 17.35 16.61 -26.07
C HIS A 381 18.54 15.61 -26.25
N ARG A 382 19.60 15.75 -25.43
CA ARG A 382 20.80 14.92 -25.34
C ARG A 382 20.52 13.41 -25.06
N HIS A 383 19.37 13.11 -24.45
CA HIS A 383 19.05 11.74 -24.06
C HIS A 383 18.25 10.98 -25.14
N MET B 1 -13.69 7.84 17.50
CA MET B 1 -14.64 7.15 16.63
C MET B 1 -15.27 5.94 17.34
N LEU B 2 -16.45 5.52 16.87
CA LEU B 2 -17.21 4.41 17.41
C LEU B 2 -17.32 3.27 16.41
N ALA B 3 -17.35 2.04 16.93
CA ALA B 3 -17.50 0.84 16.14
C ALA B 3 -18.82 0.16 16.51
N LYS B 4 -19.60 -0.33 15.53
CA LYS B 4 -20.85 -1.04 15.84
C LYS B 4 -20.54 -2.38 16.52
N ASP B 5 -19.50 -3.06 16.03
CA ASP B 5 -18.88 -4.27 16.55
C ASP B 5 -17.45 -4.36 16.01
N LYS B 6 -16.64 -5.26 16.57
CA LYS B 6 -15.28 -5.45 16.10
C LYS B 6 -15.15 -6.95 15.94
N VAL B 7 -15.00 -7.42 14.70
CA VAL B 7 -14.94 -8.83 14.37
C VAL B 7 -13.67 -9.14 13.55
N ALA B 8 -13.01 -10.26 13.83
CA ALA B 8 -11.81 -10.65 13.10
C ALA B 8 -11.81 -12.11 12.69
N LEU B 9 -11.29 -12.38 11.50
CA LEU B 9 -11.14 -13.73 10.99
C LEU B 9 -9.65 -13.94 10.78
N LEU B 10 -9.04 -14.89 11.50
CA LEU B 10 -7.61 -15.17 11.35
C LEU B 10 -7.43 -16.57 10.80
N ILE B 11 -6.72 -16.70 9.65
CA ILE B 11 -6.48 -17.98 9.01
C ILE B 11 -5.00 -18.24 8.95
N GLY B 12 -4.59 -19.40 9.41
CA GLY B 12 -3.19 -19.80 9.38
C GLY B 12 -3.00 -21.14 8.72
N ASN B 13 -2.45 -21.14 7.49
CA ASN B 13 -2.22 -22.39 6.77
C ASN B 13 -0.77 -22.86 6.87
N MET B 14 -0.57 -24.09 7.33
CA MET B 14 0.76 -24.65 7.53
C MET B 14 0.96 -25.99 6.87
N ASN B 15 0.00 -26.90 7.06
CA ASN B 15 0.17 -28.25 6.59
C ASN B 15 -0.42 -28.44 5.19
N TYR B 16 0.38 -28.08 4.17
CA TYR B 16 0.04 -28.22 2.76
C TYR B 16 0.38 -29.66 2.31
N ARG B 17 -0.48 -30.28 1.51
CA ARG B 17 -0.23 -31.66 1.06
C ARG B 17 0.69 -31.72 -0.16
N GLU B 18 0.67 -30.68 -0.98
CA GLU B 18 1.45 -30.64 -2.22
C GLU B 18 2.50 -29.52 -2.23
N HIS B 19 2.65 -28.79 -1.13
CA HIS B 19 3.59 -27.67 -1.04
C HIS B 19 4.32 -27.70 0.29
N PRO B 20 5.53 -27.09 0.39
CA PRO B 20 6.27 -27.14 1.66
C PRO B 20 5.48 -26.60 2.84
N LYS B 21 5.71 -27.21 3.97
CA LYS B 21 5.00 -26.88 5.19
C LYS B 21 5.62 -25.67 5.91
N LEU B 22 4.78 -24.88 6.59
CA LEU B 22 5.19 -23.66 7.29
C LEU B 22 5.17 -23.83 8.83
N LYS B 23 5.71 -22.85 9.59
CA LYS B 23 5.77 -22.98 11.04
C LYS B 23 5.16 -21.80 11.78
N ALA B 24 5.49 -20.60 11.32
CA ALA B 24 5.05 -19.33 11.87
C ALA B 24 3.52 -19.14 12.02
N PRO B 25 2.62 -19.54 11.08
CA PRO B 25 1.20 -19.27 11.27
C PRO B 25 0.63 -19.72 12.58
N LEU B 26 1.12 -20.85 13.16
CA LEU B 26 0.67 -21.39 14.46
C LEU B 26 0.89 -20.39 15.62
N VAL B 27 2.09 -19.83 15.77
CA VAL B 27 2.39 -18.90 16.85
C VAL B 27 1.73 -17.56 16.59
N ASP B 28 1.80 -17.08 15.34
CA ASP B 28 1.24 -15.79 14.96
C ASP B 28 -0.29 -15.73 15.03
N VAL B 29 -1.00 -16.74 14.55
CA VAL B 29 -2.47 -16.74 14.66
C VAL B 29 -2.88 -16.81 16.16
N TYR B 30 -2.15 -17.60 16.97
CA TYR B 30 -2.46 -17.71 18.41
C TYR B 30 -2.22 -16.40 19.15
N GLU B 31 -1.10 -15.74 18.88
CA GLU B 31 -0.75 -14.52 19.56
C GLU B 31 -1.62 -13.35 19.13
N LEU B 32 -1.95 -13.27 17.83
CA LEU B 32 -2.85 -12.25 17.31
C LEU B 32 -4.27 -12.41 17.86
N THR B 33 -4.73 -13.66 18.03
CA THR B 33 -6.05 -13.97 18.59
C THR B 33 -6.16 -13.39 20.00
N ASN B 34 -5.08 -13.51 20.81
CA ASN B 34 -5.05 -13.02 22.18
C ASN B 34 -5.07 -11.50 22.27
N LEU B 35 -4.27 -10.84 21.42
CA LEU B 35 -4.21 -9.39 21.40
C LEU B 35 -5.53 -8.83 20.88
N LEU B 36 -6.10 -9.42 19.83
CA LEU B 36 -7.39 -8.96 19.32
C LEU B 36 -8.50 -9.19 20.37
N ARG B 37 -8.49 -10.33 21.12
CA ARG B 37 -9.44 -10.56 22.21
C ARG B 37 -9.32 -9.45 23.25
N GLN B 38 -8.09 -9.01 23.56
CA GLN B 38 -7.81 -7.92 24.49
C GLN B 38 -8.38 -6.57 24.05
N LEU B 39 -8.54 -6.39 22.73
CA LEU B 39 -9.13 -5.21 22.12
C LEU B 39 -10.65 -5.35 21.96
N ASP B 40 -11.31 -6.32 22.61
CA ASP B 40 -12.74 -6.59 22.57
C ASP B 40 -13.25 -7.00 21.19
N PHE B 41 -12.41 -7.70 20.44
CA PHE B 41 -12.79 -8.22 19.14
C PHE B 41 -13.34 -9.63 19.33
N LYS B 42 -14.36 -9.99 18.54
CA LYS B 42 -14.84 -11.36 18.48
C LYS B 42 -13.96 -11.97 17.39
N VAL B 43 -13.15 -12.95 17.74
CA VAL B 43 -12.17 -13.51 16.83
C VAL B 43 -12.46 -14.96 16.50
N VAL B 44 -12.32 -15.30 15.22
CA VAL B 44 -12.41 -16.68 14.78
C VAL B 44 -11.01 -17.06 14.30
N SER B 45 -10.35 -18.00 14.99
CA SER B 45 -8.98 -18.40 14.63
C SER B 45 -8.99 -19.78 14.00
N LEU B 46 -8.69 -19.88 12.70
CA LEU B 46 -8.73 -21.16 12.00
C LEU B 46 -7.37 -21.65 11.43
N LEU B 47 -7.01 -22.90 11.74
CA LEU B 47 -5.77 -23.50 11.23
C LEU B 47 -6.07 -24.48 10.10
N ASP B 48 -5.17 -24.53 9.10
CA ASP B 48 -5.20 -25.46 7.98
C ASP B 48 -6.57 -25.66 7.33
N LEU B 49 -7.01 -24.66 6.57
CA LEU B 49 -8.27 -24.79 5.86
C LEU B 49 -8.12 -25.22 4.40
N THR B 50 -9.01 -26.10 3.92
CA THR B 50 -9.03 -26.45 2.49
C THR B 50 -9.68 -25.27 1.71
N GLU B 51 -9.74 -25.34 0.36
CA GLU B 51 -10.33 -24.27 -0.45
C GLU B 51 -11.80 -24.11 -0.09
N TYR B 52 -12.51 -25.25 0.03
CA TYR B 52 -13.90 -25.35 0.44
C TYR B 52 -14.13 -24.68 1.82
N GLU B 53 -13.30 -25.02 2.82
CA GLU B 53 -13.42 -24.47 4.16
C GLU B 53 -13.08 -23.00 4.19
N MET B 54 -12.05 -22.56 3.44
CA MET B 54 -11.63 -21.16 3.40
C MET B 54 -12.73 -20.30 2.82
N ARG B 55 -13.36 -20.76 1.72
CA ARG B 55 -14.45 -20.04 1.07
C ARG B 55 -15.66 -19.93 1.97
N ASN B 56 -15.96 -20.99 2.72
CA ASN B 56 -17.08 -21.03 3.65
C ASN B 56 -16.82 -20.20 4.91
N ALA B 57 -15.55 -20.04 5.32
CA ALA B 57 -15.21 -19.22 6.46
C ALA B 57 -15.30 -17.75 6.04
N VAL B 58 -14.80 -17.40 4.85
CA VAL B 58 -14.85 -16.02 4.38
C VAL B 58 -16.28 -15.61 4.07
N ASP B 59 -17.06 -16.51 3.43
CA ASP B 59 -18.46 -16.19 3.11
C ASP B 59 -19.28 -16.01 4.37
N GLU B 60 -19.21 -16.95 5.34
CA GLU B 60 -19.97 -16.81 6.58
C GLU B 60 -19.50 -15.58 7.37
N PHE B 61 -18.19 -15.22 7.29
CA PHE B 61 -17.60 -14.05 7.95
C PHE B 61 -18.23 -12.76 7.43
N LEU B 62 -18.50 -12.70 6.13
CA LEU B 62 -19.17 -11.54 5.51
C LEU B 62 -20.62 -11.43 5.99
N LEU B 63 -21.28 -12.57 6.20
CA LEU B 63 -22.65 -12.61 6.70
C LEU B 63 -22.65 -12.48 8.23
N LEU B 64 -21.84 -11.54 8.74
CA LEU B 64 -21.65 -11.12 10.14
C LEU B 64 -21.29 -9.63 10.16
N LEU B 65 -20.50 -9.17 9.17
CA LEU B 65 -20.13 -7.77 9.05
C LEU B 65 -21.38 -6.98 8.76
N ASP B 66 -21.54 -5.84 9.44
CA ASP B 66 -22.71 -4.98 9.25
C ASP B 66 -22.26 -3.52 9.10
N LYS B 67 -23.20 -2.57 8.87
CA LYS B 67 -22.87 -1.15 8.71
C LYS B 67 -22.17 -0.63 9.97
N GLY B 68 -20.96 -0.09 9.81
CA GLY B 68 -20.19 0.45 10.92
C GLY B 68 -19.39 -0.56 11.72
N VAL B 69 -19.42 -1.83 11.31
CA VAL B 69 -18.67 -2.88 11.99
C VAL B 69 -17.23 -2.85 11.52
N TYR B 70 -16.27 -2.92 12.46
CA TYR B 70 -14.85 -2.95 12.11
C TYR B 70 -14.54 -4.41 11.84
N GLY B 71 -14.17 -4.74 10.61
CA GLY B 71 -13.81 -6.11 10.27
C GLY B 71 -12.34 -6.20 9.96
N LEU B 72 -11.67 -7.20 10.53
CA LEU B 72 -10.24 -7.43 10.29
C LEU B 72 -10.04 -8.82 9.74
N LEU B 73 -9.26 -8.94 8.67
CA LEU B 73 -8.94 -10.26 8.12
C LEU B 73 -7.44 -10.44 8.19
N TYR B 74 -6.98 -11.50 8.83
CA TYR B 74 -5.56 -11.79 8.89
C TYR B 74 -5.32 -13.12 8.22
N TYR B 75 -4.35 -13.17 7.30
CA TYR B 75 -3.97 -14.45 6.70
C TYR B 75 -2.47 -14.74 6.84
N ALA B 76 -2.12 -15.96 7.23
CA ALA B 76 -0.73 -16.39 7.33
C ALA B 76 -0.66 -17.74 6.63
N GLY B 77 0.14 -17.84 5.58
CA GLY B 77 0.28 -19.08 4.84
C GLY B 77 0.95 -18.85 3.50
N HIS B 78 0.83 -19.81 2.57
CA HIS B 78 1.37 -19.60 1.22
C HIS B 78 0.46 -18.60 0.52
N GLY B 79 1.10 -17.67 -0.16
CA GLY B 79 0.41 -16.64 -0.91
C GLY B 79 1.21 -16.20 -2.13
N TYR B 80 0.57 -15.46 -3.02
CA TYR B 80 1.19 -14.86 -4.19
C TYR B 80 0.50 -13.57 -4.63
N GLU B 81 1.19 -12.76 -5.42
CA GLU B 81 0.67 -11.49 -5.92
C GLU B 81 0.88 -11.43 -7.40
N ASN B 82 -0.22 -11.36 -8.15
CA ASN B 82 -0.17 -11.28 -9.59
C ASN B 82 -0.90 -10.02 -10.04
N PHE B 83 -0.15 -9.09 -10.65
CA PHE B 83 -0.66 -7.86 -11.26
C PHE B 83 -1.53 -7.01 -10.34
N GLY B 84 -1.09 -6.89 -9.10
CA GLY B 84 -1.80 -6.13 -8.10
C GLY B 84 -2.64 -6.96 -7.18
N ASN B 85 -3.13 -8.11 -7.67
CA ASN B 85 -4.04 -8.99 -6.93
C ASN B 85 -3.35 -9.99 -6.03
N SER B 86 -3.84 -10.14 -4.77
CA SER B 86 -3.26 -11.06 -3.81
C SER B 86 -4.09 -12.34 -3.72
N PHE B 87 -3.43 -13.49 -3.60
CA PHE B 87 -4.15 -14.76 -3.46
C PHE B 87 -3.67 -15.58 -2.29
N MET B 88 -4.60 -16.13 -1.53
CA MET B 88 -4.30 -16.97 -0.38
C MET B 88 -4.50 -18.42 -0.78
N VAL B 89 -3.45 -19.22 -0.59
CA VAL B 89 -3.41 -20.61 -0.97
C VAL B 89 -3.90 -21.59 0.13
N PRO B 90 -4.98 -22.33 -0.16
CA PRO B 90 -5.49 -23.32 0.82
C PRO B 90 -4.55 -24.53 1.00
N VAL B 91 -4.70 -25.29 2.11
CA VAL B 91 -3.81 -26.43 2.35
C VAL B 91 -3.98 -27.58 1.35
N ASP B 92 -5.15 -27.69 0.71
CA ASP B 92 -5.39 -28.76 -0.25
C ASP B 92 -5.08 -28.40 -1.69
N ALA B 93 -4.50 -27.20 -1.95
CA ALA B 93 -4.20 -26.74 -3.28
C ALA B 93 -3.27 -27.69 -4.04
N PRO B 94 -3.55 -27.88 -5.34
CA PRO B 94 -2.69 -28.75 -6.13
C PRO B 94 -1.33 -28.11 -6.46
N ASN B 95 -0.43 -28.91 -7.08
CA ASN B 95 0.88 -28.44 -7.51
C ASN B 95 0.93 -28.62 -9.01
N PRO B 96 0.93 -27.54 -9.80
CA PRO B 96 0.91 -26.13 -9.38
C PRO B 96 -0.49 -25.58 -9.11
N TYR B 97 -0.58 -24.42 -8.44
CA TYR B 97 -1.88 -23.82 -8.16
C TYR B 97 -2.16 -22.63 -9.07
N ARG B 98 -3.44 -22.44 -9.38
CA ARG B 98 -3.93 -21.33 -10.20
C ARG B 98 -4.97 -20.52 -9.38
N SER B 99 -5.46 -19.37 -9.92
CA SER B 99 -6.37 -18.52 -9.16
C SER B 99 -7.72 -19.20 -8.81
N GLU B 100 -8.17 -20.19 -9.60
CA GLU B 100 -9.41 -20.89 -9.29
C GLU B 100 -9.30 -21.77 -8.03
N ASN B 101 -8.06 -22.16 -7.63
CA ASN B 101 -7.74 -22.97 -6.47
C ASN B 101 -7.58 -22.11 -5.21
N CYS B 102 -7.20 -20.83 -5.38
CA CYS B 102 -6.90 -19.90 -4.30
C CYS B 102 -7.99 -18.83 -4.13
N LEU B 103 -7.93 -18.06 -3.04
CA LEU B 103 -8.91 -17.02 -2.74
C LEU B 103 -8.29 -15.66 -3.00
N CYS B 104 -8.91 -14.85 -3.85
CA CYS B 104 -8.41 -13.52 -4.18
C CYS B 104 -8.83 -12.55 -3.10
N VAL B 105 -7.88 -11.89 -2.43
CA VAL B 105 -8.21 -10.97 -1.33
C VAL B 105 -9.05 -9.76 -1.80
N GLN B 106 -8.90 -9.36 -3.07
CA GLN B 106 -9.68 -8.27 -3.65
C GLN B 106 -11.18 -8.62 -3.78
N ASN B 107 -11.49 -9.91 -3.94
CA ASN B 107 -12.87 -10.36 -4.01
C ASN B 107 -13.53 -10.22 -2.63
N ILE B 108 -12.78 -10.57 -1.55
CA ILE B 108 -13.21 -10.46 -0.16
C ILE B 108 -13.51 -9.02 0.18
N LEU B 109 -12.62 -8.10 -0.22
CA LEU B 109 -12.74 -6.67 0.00
C LEU B 109 -14.13 -6.14 -0.47
N LYS B 110 -14.48 -6.34 -1.76
CA LYS B 110 -15.72 -5.83 -2.33
C LYS B 110 -16.96 -6.38 -1.66
N LEU B 111 -16.94 -7.64 -1.25
CA LEU B 111 -18.08 -8.27 -0.56
C LEU B 111 -18.29 -7.72 0.88
N MET B 112 -17.20 -7.26 1.53
CA MET B 112 -17.23 -6.61 2.85
C MET B 112 -17.87 -5.21 2.70
N GLN B 113 -17.53 -4.49 1.60
CA GLN B 113 -18.04 -3.16 1.28
C GLN B 113 -19.56 -3.16 1.08
N GLU B 114 -20.11 -4.28 0.58
CA GLU B 114 -21.55 -4.43 0.38
C GLU B 114 -22.32 -4.61 1.73
N LYS B 115 -21.59 -4.72 2.85
CA LYS B 115 -22.12 -4.78 4.21
C LYS B 115 -21.99 -3.43 4.94
N GLU B 116 -21.49 -2.36 4.25
CA GLU B 116 -21.30 -0.98 4.72
C GLU B 116 -20.36 -0.84 5.94
N THR B 117 -19.36 -1.74 6.07
CA THR B 117 -18.41 -1.74 7.19
C THR B 117 -17.77 -0.36 7.52
N GLY B 118 -17.37 -0.20 8.78
CA GLY B 118 -16.82 1.06 9.28
C GLY B 118 -15.31 1.14 9.19
N LEU B 119 -14.66 -0.02 9.03
CA LEU B 119 -13.21 -0.15 8.89
C LEU B 119 -12.92 -1.55 8.36
N ASN B 120 -12.11 -1.66 7.31
CA ASN B 120 -11.74 -2.96 6.77
C ASN B 120 -10.24 -3.02 6.83
N VAL B 121 -9.68 -3.91 7.64
CA VAL B 121 -8.23 -4.06 7.79
C VAL B 121 -7.86 -5.45 7.26
N PHE B 122 -6.84 -5.53 6.42
CA PHE B 122 -6.38 -6.79 5.87
C PHE B 122 -4.91 -6.90 6.20
N LEU B 123 -4.54 -7.89 7.01
CA LEU B 123 -3.12 -8.13 7.33
C LEU B 123 -2.71 -9.41 6.62
N LEU B 124 -1.92 -9.24 5.56
CA LEU B 124 -1.52 -10.35 4.72
C LEU B 124 -0.11 -10.69 4.99
N ASP B 125 0.07 -11.76 5.74
CA ASP B 125 1.34 -12.25 6.19
C ASP B 125 1.78 -13.37 5.27
N MET B 126 2.26 -12.99 4.09
CA MET B 126 2.61 -13.96 3.08
C MET B 126 3.56 -13.36 2.04
N CYS B 127 4.08 -14.23 1.16
CA CYS B 127 4.96 -13.83 0.09
CA CYS B 127 4.96 -13.93 0.04
C CYS B 127 4.16 -13.14 -1.01
N ARG B 128 4.78 -12.16 -1.67
CA ARG B 128 4.08 -11.38 -2.70
C ARG B 128 4.70 -11.55 -4.07
N LYS B 129 5.25 -12.74 -4.35
CA LYS B 129 5.87 -13.02 -5.63
C LYS B 129 4.85 -13.45 -6.70
N ARG B 130 5.21 -13.33 -7.98
CA ARG B 130 4.33 -13.71 -9.06
C ARG B 130 4.23 -15.23 -9.16
N ASN B 131 3.07 -15.71 -9.60
CA ASN B 131 2.82 -17.12 -9.84
C ASN B 131 2.83 -17.29 -11.36
N ASP B 132 3.92 -17.87 -11.87
CA ASP B 132 4.14 -18.15 -13.29
C ASP B 132 3.06 -18.99 -13.97
N TYR B 133 2.29 -19.76 -13.20
CA TYR B 133 1.29 -20.68 -13.71
C TYR B 133 -0.09 -20.08 -13.93
N ASP B 134 -0.35 -18.88 -13.40
CA ASP B 134 -1.67 -18.27 -13.52
C ASP B 134 -1.92 -17.63 -14.88
N ASP B 135 -2.58 -18.37 -15.79
CA ASP B 135 -2.92 -17.95 -17.16
C ASP B 135 -3.87 -16.74 -17.13
N THR B 136 -4.82 -16.71 -16.18
CA THR B 136 -5.77 -15.61 -16.09
C THR B 136 -5.26 -14.47 -15.27
N ILE B 137 -5.63 -13.26 -15.66
CA ILE B 137 -5.32 -12.03 -14.96
C ILE B 137 -6.68 -11.38 -14.72
N PRO B 138 -7.27 -11.59 -13.53
CA PRO B 138 -8.60 -11.04 -13.28
C PRO B 138 -8.68 -9.53 -13.26
N ILE B 139 -9.64 -9.00 -14.00
CA ILE B 139 -9.91 -7.57 -14.03
C ILE B 139 -11.27 -7.37 -13.37
N LEU B 140 -11.25 -6.82 -12.17
CA LEU B 140 -12.45 -6.57 -11.39
C LEU B 140 -13.03 -5.22 -11.75
N ASP B 141 -14.36 -5.05 -11.59
CA ASP B 141 -14.96 -3.72 -11.75
C ASP B 141 -14.72 -3.04 -10.36
N ALA B 142 -13.44 -3.09 -9.92
CA ALA B 142 -12.83 -2.69 -8.67
C ALA B 142 -13.25 -1.31 -8.17
N LEU B 143 -13.13 -1.14 -6.85
CA LEU B 143 -13.39 0.07 -6.12
C LEU B 143 -14.86 0.43 -5.94
N LYS B 144 -15.05 1.11 -4.82
CA LYS B 144 -16.18 1.81 -4.28
C LYS B 144 -15.47 2.65 -3.22
N VAL B 145 -15.47 3.97 -3.42
CA VAL B 145 -14.75 4.87 -2.51
C VAL B 145 -15.48 4.94 -1.16
N THR B 146 -15.17 3.97 -0.30
CA THR B 146 -15.69 3.88 1.06
C THR B 146 -14.77 4.61 2.05
N ALA B 147 -13.48 4.84 1.64
CA ALA B 147 -12.42 5.53 2.36
C ALA B 147 -12.24 4.96 3.76
N ASN B 148 -12.16 3.64 3.82
CA ASN B 148 -12.03 2.94 5.09
C ASN B 148 -11.26 1.63 4.99
N ILE B 149 -10.40 1.46 3.97
CA ILE B 149 -9.67 0.22 3.79
C ILE B 149 -8.20 0.39 4.08
N VAL B 150 -7.65 -0.44 4.98
CA VAL B 150 -6.22 -0.46 5.32
C VAL B 150 -5.63 -1.88 5.09
N PHE B 151 -4.61 -1.97 4.26
CA PHE B 151 -3.86 -3.17 3.96
C PHE B 151 -2.51 -3.06 4.57
N GLY B 152 -2.11 -4.07 5.31
CA GLY B 152 -0.79 -4.19 5.90
C GLY B 152 -0.19 -5.47 5.36
N TYR B 153 0.73 -5.35 4.41
CA TYR B 153 1.38 -6.51 3.85
C TYR B 153 2.68 -6.73 4.63
N ALA B 154 3.04 -8.00 4.93
CA ALA B 154 4.27 -8.35 5.66
C ALA B 154 5.52 -7.93 4.87
N THR B 155 5.43 -7.94 3.53
CA THR B 155 6.57 -7.63 2.68
C THR B 155 6.13 -6.75 1.47
N CYS B 156 7.09 -6.34 0.64
CA CYS B 156 6.80 -5.59 -0.56
C CYS B 156 6.53 -6.52 -1.73
N GLN B 157 5.90 -5.99 -2.78
CA GLN B 157 5.57 -6.74 -3.98
C GLN B 157 6.81 -7.30 -4.64
N GLY B 158 6.73 -8.57 -5.03
CA GLY B 158 7.84 -9.30 -5.65
C GLY B 158 8.91 -9.78 -4.70
N ALA B 159 8.67 -9.66 -3.37
CA ALA B 159 9.60 -10.06 -2.30
C ALA B 159 8.99 -11.19 -1.39
N GLU B 160 9.78 -11.73 -0.42
CA GLU B 160 9.34 -12.81 0.47
C GLU B 160 9.04 -12.32 1.88
N ALA B 161 8.19 -13.06 2.61
CA ALA B 161 7.86 -12.79 4.00
C ALA B 161 8.48 -13.89 4.84
N PHE B 162 9.68 -13.65 5.37
CA PHE B 162 10.46 -14.60 6.15
C PHE B 162 9.96 -14.79 7.61
N LEU B 169 9.64 -22.66 18.26
CA LEU B 169 8.31 -22.07 18.41
C LEU B 169 8.47 -20.53 18.43
N ALA B 170 8.73 -19.93 17.25
CA ALA B 170 8.95 -18.49 17.18
C ALA B 170 8.11 -17.77 16.12
N ASN B 171 7.78 -16.52 16.41
CA ASN B 171 7.02 -15.62 15.53
C ASN B 171 7.70 -15.38 14.19
N GLY B 172 6.90 -15.04 13.20
CA GLY B 172 7.38 -14.56 11.93
C GLY B 172 7.77 -13.10 12.12
N ILE B 173 8.58 -12.55 11.22
CA ILE B 173 9.05 -11.17 11.32
C ILE B 173 7.91 -10.13 11.47
N PHE B 174 6.82 -10.26 10.70
CA PHE B 174 5.70 -9.32 10.79
C PHE B 174 5.02 -9.30 12.18
N MET B 175 4.64 -10.47 12.71
CA MET B 175 3.96 -10.57 14.00
C MET B 175 4.86 -10.23 15.17
N LYS B 176 6.18 -10.50 15.05
CA LYS B 176 7.16 -10.13 16.06
C LYS B 176 7.07 -8.62 16.36
N PHE B 177 7.10 -7.80 15.31
CA PHE B 177 7.02 -6.35 15.48
C PHE B 177 5.59 -5.84 15.71
N LEU B 178 4.60 -6.41 15.01
CA LEU B 178 3.21 -6.02 15.16
C LEU B 178 2.66 -6.23 16.58
N LYS B 179 2.95 -7.38 17.20
CA LYS B 179 2.45 -7.67 18.55
C LYS B 179 2.96 -6.70 19.63
N ASP B 180 4.07 -6.00 19.37
CA ASP B 180 4.59 -5.04 20.34
C ASP B 180 3.84 -3.71 20.35
N ARG B 181 2.97 -3.45 19.37
CA ARG B 181 2.25 -2.19 19.29
C ARG B 181 0.76 -2.31 19.04
N LEU B 182 0.26 -3.49 18.67
CA LEU B 182 -1.14 -3.66 18.33
C LEU B 182 -2.15 -3.09 19.36
N LEU B 183 -1.78 -3.13 20.65
CA LEU B 183 -2.65 -2.63 21.71
C LEU B 183 -2.61 -1.13 21.89
N GLU B 184 -1.76 -0.38 21.17
CA GLU B 184 -1.66 1.07 21.31
C GLU B 184 -2.84 1.82 20.76
N ASP B 185 -3.21 2.91 21.43
CA ASP B 185 -4.34 3.74 21.05
C ASP B 185 -3.94 4.75 19.98
N LYS B 186 -3.64 4.26 18.78
CA LYS B 186 -3.29 5.12 17.66
C LYS B 186 -4.10 4.69 16.44
N LYS B 187 -4.29 5.63 15.47
CA LYS B 187 -4.96 5.39 14.18
C LYS B 187 -4.25 4.19 13.49
N ILE B 188 -4.99 3.16 13.05
CA ILE B 188 -4.40 1.91 12.52
C ILE B 188 -3.30 2.17 11.44
N THR B 189 -3.44 3.21 10.62
CA THR B 189 -2.42 3.55 9.60
C THR B 189 -1.14 4.05 10.25
N VAL B 190 -1.29 4.87 11.30
CA VAL B 190 -0.20 5.41 12.08
C VAL B 190 0.50 4.30 12.83
N LEU B 191 -0.28 3.39 13.44
CA LEU B 191 0.21 2.20 14.12
C LEU B 191 1.02 1.31 13.14
N LEU B 192 0.45 0.92 12.00
CA LEU B 192 1.16 0.12 11.00
C LEU B 192 2.45 0.78 10.52
N ASP B 193 2.44 2.12 10.37
CA ASP B 193 3.62 2.88 9.93
C ASP B 193 4.73 2.82 10.99
N GLU B 194 4.34 2.81 12.27
CA GLU B 194 5.30 2.72 13.36
C GLU B 194 5.90 1.30 13.45
N VAL B 195 5.11 0.26 13.15
CA VAL B 195 5.60 -1.10 13.10
C VAL B 195 6.60 -1.25 11.94
N ALA B 196 6.40 -0.54 10.83
CA ALA B 196 7.34 -0.53 9.69
C ALA B 196 8.68 0.10 10.09
N GLU B 197 8.64 1.17 10.90
CA GLU B 197 9.84 1.81 11.42
C GLU B 197 10.60 0.85 12.34
N ASP B 198 9.87 0.05 13.14
CA ASP B 198 10.42 -0.97 14.03
C ASP B 198 11.09 -2.07 13.24
N MET B 199 10.41 -2.60 12.20
CA MET B 199 11.01 -3.60 11.31
C MET B 199 12.27 -3.04 10.66
N GLY B 200 12.25 -1.76 10.29
CA GLY B 200 13.38 -1.09 9.67
C GLY B 200 14.60 -1.06 10.55
N LYS B 201 14.41 -0.84 11.87
CA LYS B 201 15.50 -0.79 12.86
C LYS B 201 16.17 -2.16 13.06
N CYS B 202 15.48 -3.25 12.72
CA CYS B 202 15.99 -4.60 12.85
C CYS B 202 17.08 -4.95 11.84
N HIS B 203 18.24 -5.37 12.37
CA HIS B 203 19.42 -5.79 11.61
C HIS B 203 19.09 -6.85 10.54
N LEU B 204 18.21 -7.82 10.90
CA LEU B 204 17.76 -8.94 10.07
C LEU B 204 17.04 -8.57 8.75
N THR B 205 16.04 -7.69 8.82
CA THR B 205 15.19 -7.32 7.70
C THR B 205 15.84 -6.41 6.65
N LYS B 206 16.84 -5.63 7.02
CA LYS B 206 17.48 -4.66 6.12
C LYS B 206 17.80 -5.18 4.71
N GLY B 207 17.03 -4.73 3.73
CA GLY B 207 17.20 -5.08 2.32
C GLY B 207 16.46 -6.33 1.86
N LYS B 208 15.70 -6.98 2.77
CA LYS B 208 14.98 -8.22 2.49
C LYS B 208 13.47 -8.09 2.70
N GLN B 209 13.05 -7.69 3.91
CA GLN B 209 11.64 -7.55 4.23
C GLN B 209 11.29 -6.18 4.76
N ALA B 210 10.24 -5.60 4.21
CA ALA B 210 9.77 -4.29 4.64
C ALA B 210 8.27 -4.37 4.58
N LEU B 211 7.55 -3.89 5.60
CA LEU B 211 6.09 -3.96 5.53
C LEU B 211 5.56 -2.81 4.66
N GLU B 212 4.55 -3.13 3.85
CA GLU B 212 3.96 -2.15 2.95
C GLU B 212 2.53 -1.89 3.34
N ILE B 213 2.17 -0.61 3.42
CA ILE B 213 0.85 -0.20 3.82
C ILE B 213 0.14 0.44 2.68
N ARG B 214 -1.07 0.00 2.34
CA ARG B 214 -1.89 0.66 1.30
C ARG B 214 -3.17 1.06 2.01
N SER B 215 -3.42 2.34 2.08
CA SER B 215 -4.56 2.83 2.83
C SER B 215 -5.34 3.93 2.16
N SER B 216 -6.64 3.83 2.30
CA SER B 216 -7.56 4.88 1.87
C SER B 216 -8.41 5.38 3.04
N LEU B 217 -8.07 5.05 4.30
CA LEU B 217 -8.73 5.49 5.52
C LEU B 217 -8.71 7.02 5.67
N SER B 218 -9.88 7.65 5.73
CA SER B 218 -9.97 9.09 5.86
C SER B 218 -10.46 9.54 7.26
N GLU B 219 -10.55 8.64 8.23
CA GLU B 219 -11.00 8.98 9.57
C GLU B 219 -10.05 8.44 10.64
N LYS B 220 -10.00 9.06 11.84
CA LYS B 220 -9.14 8.55 12.93
C LYS B 220 -9.77 7.28 13.49
N ARG B 221 -9.60 6.14 12.83
CA ARG B 221 -10.13 4.87 13.29
C ARG B 221 -9.03 3.96 13.72
N ALA B 222 -9.18 3.40 14.91
CA ALA B 222 -8.21 2.55 15.54
C ALA B 222 -8.85 1.23 16.03
N LEU B 223 -8.04 0.17 16.18
CA LEU B 223 -8.54 -1.11 16.71
C LEU B 223 -8.97 -1.01 18.20
N THR B 224 -8.58 0.07 18.87
CA THR B 224 -8.89 0.41 20.26
C THR B 224 -10.22 1.23 20.38
N ASP B 225 -11.00 1.35 19.29
CA ASP B 225 -12.26 2.08 19.34
C ASP B 225 -13.33 1.33 20.11
N PRO B 226 -14.06 2.01 21.00
CA PRO B 226 -15.08 1.31 21.78
C PRO B 226 -16.27 0.83 20.95
N ILE B 227 -16.90 -0.27 21.37
CA ILE B 227 -18.08 -0.77 20.69
C ILE B 227 -19.29 -0.06 21.27
N GLN B 228 -20.16 0.49 20.39
CA GLN B 228 -21.39 1.17 20.80
C GLN B 228 -22.22 0.35 21.82
N TYR B 232 -27.93 -1.41 20.76
CA TYR B 232 -27.59 -2.67 20.08
C TYR B 232 -28.73 -3.13 19.17
N SER B 233 -28.41 -3.77 18.03
CA SER B 233 -29.42 -4.22 17.07
C SER B 233 -29.83 -5.70 17.24
N ALA B 234 -30.98 -6.09 16.64
CA ALA B 234 -31.48 -7.46 16.64
C ALA B 234 -30.58 -8.39 15.84
N GLU B 235 -30.04 -7.88 14.71
CA GLU B 235 -29.14 -8.60 13.80
C GLU B 235 -27.79 -8.87 14.48
N SER B 236 -27.35 -7.95 15.38
CA SER B 236 -26.12 -8.07 16.16
C SER B 236 -26.23 -9.22 17.17
N LEU B 237 -27.44 -9.44 17.73
CA LEU B 237 -27.72 -10.50 18.69
C LEU B 237 -27.68 -11.90 18.05
N VAL B 238 -27.87 -11.99 16.72
CA VAL B 238 -27.79 -13.24 15.99
C VAL B 238 -26.31 -13.65 15.90
N ARG B 239 -25.42 -12.69 15.61
CA ARG B 239 -23.98 -12.99 15.60
C ARG B 239 -23.41 -13.07 17.01
N ASN B 240 -24.00 -12.36 17.98
CA ASN B 240 -23.55 -12.41 19.37
C ASN B 240 -23.89 -13.78 19.95
N LEU B 241 -25.10 -14.31 19.66
CA LEU B 241 -25.49 -15.64 20.11
C LEU B 241 -24.69 -16.70 19.41
N GLN B 242 -24.47 -16.57 18.09
CA GLN B 242 -23.71 -17.54 17.32
C GLN B 242 -22.25 -17.56 17.74
N TRP B 243 -21.67 -16.40 18.08
CA TRP B 243 -20.29 -16.34 18.54
C TRP B 243 -20.13 -16.90 19.96
N ALA B 244 -21.18 -16.81 20.79
CA ALA B 244 -21.12 -17.38 22.15
C ALA B 244 -21.09 -18.91 22.05
N LYS B 245 -21.93 -19.47 21.16
CA LYS B 245 -22.02 -20.93 20.91
C LYS B 245 -20.76 -21.50 20.26
N ALA B 246 -20.01 -20.66 19.52
CA ALA B 246 -18.83 -21.04 18.76
C ALA B 246 -17.63 -21.53 19.55
N HIS B 247 -17.49 -21.13 20.83
CA HIS B 247 -16.30 -21.52 21.58
C HIS B 247 -16.59 -22.25 22.88
N GLU B 248 -17.63 -23.11 22.87
CA GLU B 248 -17.96 -23.87 24.09
C GLU B 248 -17.16 -25.15 24.13
N LEU B 249 -16.50 -25.36 25.25
CA LEU B 249 -15.62 -26.50 25.43
C LEU B 249 -16.27 -27.56 26.32
N PRO B 250 -16.03 -28.85 26.04
CA PRO B 250 -16.62 -29.89 26.91
C PRO B 250 -16.07 -29.83 28.33
N GLU B 251 -16.93 -30.13 29.30
CA GLU B 251 -16.55 -30.14 30.72
C GLU B 251 -15.69 -31.35 31.01
N SER B 252 -14.71 -31.19 31.91
CA SER B 252 -13.80 -32.26 32.32
C SER B 252 -14.61 -33.36 32.95
N MET B 253 -14.42 -34.60 32.49
CA MET B 253 -15.22 -35.71 33.02
C MET B 253 -14.40 -36.83 33.65
N CYS B 254 -14.89 -37.35 34.76
CA CYS B 254 -14.23 -38.45 35.45
C CYS B 254 -14.87 -39.76 34.99
N LEU B 255 -14.04 -40.74 34.66
CA LEU B 255 -14.50 -42.05 34.19
C LEU B 255 -14.07 -43.10 35.21
N LYS B 256 -15.02 -43.84 35.78
CA LYS B 256 -14.71 -44.89 36.76
C LYS B 256 -14.60 -46.24 36.06
N PHE B 257 -13.45 -46.93 36.17
CA PHE B 257 -13.29 -48.24 35.54
C PHE B 257 -13.56 -49.41 36.52
N LYS B 258 -13.84 -50.60 35.98
CA LYS B 258 -14.15 -51.81 36.74
C LYS B 258 -13.11 -52.21 37.77
N CYS B 259 -11.82 -51.89 37.52
CA CYS B 259 -10.74 -52.30 38.42
C CYS B 259 -10.47 -51.33 39.58
N GLY B 260 -11.12 -50.18 39.60
CA GLY B 260 -10.91 -49.18 40.64
C GLY B 260 -10.25 -47.91 40.13
N VAL B 261 -9.57 -47.98 38.96
CA VAL B 261 -8.89 -46.86 38.34
C VAL B 261 -9.89 -45.82 37.88
N GLN B 262 -9.64 -44.54 38.25
CA GLN B 262 -10.46 -43.40 37.84
C GLN B 262 -9.62 -42.50 36.96
N ILE B 263 -10.18 -42.06 35.84
CA ILE B 263 -9.46 -41.23 34.90
C ILE B 263 -10.14 -39.90 34.70
N GLN B 264 -9.34 -38.82 34.65
CA GLN B 264 -9.89 -37.52 34.33
C GLN B 264 -9.61 -37.30 32.85
N LEU B 265 -10.65 -36.95 32.10
CA LEU B 265 -10.57 -36.65 30.67
C LEU B 265 -10.84 -35.13 30.58
N GLY B 266 -9.87 -34.35 30.13
CA GLY B 266 -10.01 -32.90 30.05
C GLY B 266 -9.77 -32.32 28.68
N PHE B 267 -10.28 -31.09 28.44
CA PHE B 267 -10.22 -30.44 27.12
C PHE B 267 -9.73 -28.99 27.14
N ALA B 268 -8.92 -28.60 26.15
CA ALA B 268 -8.43 -27.23 26.04
C ALA B 268 -8.66 -26.71 24.62
N ALA B 269 -8.89 -25.40 24.49
CA ALA B 269 -9.04 -24.78 23.18
C ALA B 269 -7.67 -24.23 22.76
N GLU B 270 -7.27 -24.54 21.53
CA GLU B 270 -6.02 -24.02 20.99
C GLU B 270 -6.37 -22.98 19.93
N PHE B 271 -7.31 -23.32 19.03
CA PHE B 271 -7.86 -22.45 17.98
C PHE B 271 -9.39 -22.70 17.94
N SER B 272 -10.14 -21.98 17.10
CA SER B 272 -11.58 -22.20 16.97
C SER B 272 -11.90 -23.60 16.44
N ASN B 273 -10.96 -24.21 15.73
CA ASN B 273 -11.09 -25.55 15.16
C ASN B 273 -10.03 -26.53 15.69
N VAL B 274 -9.21 -26.16 16.67
CA VAL B 274 -8.19 -27.05 17.22
C VAL B 274 -8.42 -27.26 18.71
N MET B 275 -8.56 -28.53 19.16
CA MET B 275 -8.78 -28.82 20.57
C MET B 275 -7.74 -29.80 21.12
N ILE B 276 -7.34 -29.65 22.38
CA ILE B 276 -6.47 -30.62 23.02
C ILE B 276 -7.32 -31.48 23.96
N ILE B 277 -7.15 -32.79 23.87
CA ILE B 277 -7.80 -33.75 24.74
C ILE B 277 -6.67 -34.35 25.58
N TYR B 278 -6.81 -34.38 26.90
CA TYR B 278 -5.79 -34.98 27.77
C TYR B 278 -6.44 -35.98 28.73
N THR B 279 -5.70 -37.04 29.10
CA THR B 279 -6.14 -38.06 30.05
C THR B 279 -5.17 -38.09 31.21
N LYS B 280 -5.69 -38.21 32.43
CA LYS B 280 -4.87 -38.26 33.63
C LYS B 280 -5.38 -39.40 34.52
N ILE B 281 -4.50 -40.23 35.11
CA ILE B 281 -4.94 -41.26 36.06
C ILE B 281 -5.08 -40.51 37.37
N VAL B 282 -6.31 -40.38 37.91
CA VAL B 282 -6.48 -39.58 39.14
C VAL B 282 -6.45 -40.45 40.39
N TYR B 283 -6.93 -41.69 40.30
CA TYR B 283 -6.84 -42.63 41.41
C TYR B 283 -6.35 -43.98 40.87
N LYS B 284 -5.42 -44.61 41.60
CA LYS B 284 -4.90 -45.89 41.21
C LYS B 284 -4.89 -46.77 42.45
N PRO B 285 -5.60 -47.91 42.43
CA PRO B 285 -5.58 -48.81 43.60
C PRO B 285 -4.16 -49.30 43.83
N PRO B 286 -3.64 -49.22 45.06
CA PRO B 286 -2.24 -49.63 45.31
C PRO B 286 -1.81 -50.95 44.65
N GLU B 287 -2.75 -51.90 44.47
CA GLU B 287 -2.54 -53.22 43.85
C GLU B 287 -2.10 -53.15 42.38
N ILE B 288 -2.35 -52.04 41.68
CA ILE B 288 -2.01 -51.92 40.26
C ILE B 288 -0.72 -51.14 40.05
N ILE B 289 0.28 -51.76 39.42
CA ILE B 289 1.58 -51.12 39.20
C ILE B 289 1.67 -50.42 37.82
N MET B 290 1.49 -51.15 36.71
CA MET B 290 1.52 -50.51 35.39
C MET B 290 0.11 -50.06 35.04
N CYS B 291 -0.06 -48.78 34.70
CA CYS B 291 -1.38 -48.27 34.35
C CYS B 291 -1.31 -47.20 33.28
N ASP B 292 -1.89 -47.48 32.10
CA ASP B 292 -1.89 -46.54 30.99
C ASP B 292 -3.29 -46.34 30.44
N ALA B 293 -3.65 -45.09 30.15
CA ALA B 293 -4.95 -44.74 29.60
C ALA B 293 -4.72 -44.07 28.25
N TYR B 294 -5.43 -44.50 27.17
CA TYR B 294 -5.23 -43.88 25.87
C TYR B 294 -6.53 -43.77 25.02
N VAL B 295 -6.66 -42.70 24.20
CA VAL B 295 -7.86 -42.49 23.40
C VAL B 295 -7.71 -43.01 21.95
N THR B 296 -8.78 -43.64 21.47
CA THR B 296 -8.91 -44.25 20.14
C THR B 296 -10.35 -44.08 19.60
N ASP B 297 -10.65 -44.59 18.38
CA ASP B 297 -11.97 -44.65 17.75
C ASP B 297 -12.58 -43.30 17.50
N PHE B 298 -11.77 -42.38 17.02
CA PHE B 298 -12.22 -41.03 16.69
C PHE B 298 -12.92 -41.02 15.35
N PRO B 299 -13.92 -40.14 15.18
CA PRO B 299 -14.60 -40.04 13.86
C PRO B 299 -13.62 -39.86 12.69
N LEU B 300 -13.81 -40.62 11.60
CA LEU B 300 -12.91 -40.56 10.44
C LEU B 300 -12.90 -39.21 9.73
N ASP B 301 -13.97 -38.39 9.90
CA ASP B 301 -14.09 -37.05 9.32
C ASP B 301 -12.92 -36.17 9.78
N LEU B 302 -12.58 -36.27 11.08
CA LEU B 302 -11.52 -35.52 11.73
C LEU B 302 -10.13 -35.79 11.17
N ASP B 303 -9.91 -36.97 10.57
CA ASP B 303 -8.64 -37.38 9.94
C ASP B 303 -7.44 -37.23 10.87
N ILE B 304 -7.59 -37.71 12.10
CA ILE B 304 -6.53 -37.60 13.09
C ILE B 304 -5.47 -38.66 12.87
N ASP B 305 -4.19 -38.26 12.93
CA ASP B 305 -3.08 -39.20 12.84
C ASP B 305 -3.10 -40.01 14.14
N PRO B 306 -3.29 -41.35 14.09
CA PRO B 306 -3.38 -42.13 15.35
C PRO B 306 -2.08 -42.23 16.16
N LYS B 307 -0.96 -41.76 15.57
CA LYS B 307 0.34 -41.72 16.21
C LYS B 307 0.57 -40.33 16.85
N ASP B 308 0.01 -39.25 16.26
CA ASP B 308 0.10 -37.91 16.86
C ASP B 308 -0.98 -37.66 17.95
N ALA B 309 -1.45 -38.77 18.56
CA ALA B 309 -2.38 -38.88 19.66
C ALA B 309 -1.66 -39.65 20.80
N ASN B 310 -2.09 -39.46 22.04
CA ASN B 310 -1.52 -40.13 23.21
C ASN B 310 -0.03 -39.86 23.43
N LYS B 311 0.39 -38.61 23.26
CA LYS B 311 1.78 -38.22 23.47
C LYS B 311 2.02 -37.81 24.93
N GLY B 312 3.23 -38.03 25.41
CA GLY B 312 3.62 -37.68 26.78
C GLY B 312 3.62 -36.19 27.04
N THR B 313 3.84 -35.37 25.99
CA THR B 313 3.80 -33.90 26.09
C THR B 313 2.89 -33.32 24.99
N PRO B 314 2.28 -32.14 25.20
CA PRO B 314 1.41 -31.58 24.14
C PRO B 314 2.18 -31.05 22.93
N GLU B 315 3.47 -30.69 23.09
CA GLU B 315 4.32 -30.20 21.98
C GLU B 315 4.45 -31.25 20.90
N GLU B 316 4.54 -32.52 21.30
CA GLU B 316 4.65 -33.67 20.39
C GLU B 316 3.42 -33.86 19.49
N THR B 317 2.28 -33.29 19.87
CA THR B 317 1.06 -33.41 19.06
C THR B 317 0.97 -32.36 17.95
N GLY B 318 1.90 -31.39 17.96
CA GLY B 318 1.94 -30.25 17.05
C GLY B 318 1.37 -28.99 17.66
N SER B 319 1.03 -29.04 18.97
CA SER B 319 0.40 -27.95 19.66
C SER B 319 1.28 -26.71 19.87
N TYR B 320 0.63 -25.57 20.03
CA TYR B 320 1.27 -24.33 20.40
C TYR B 320 1.51 -24.41 21.94
N LEU B 321 0.54 -24.96 22.68
CA LEU B 321 0.57 -25.12 24.12
C LEU B 321 1.68 -26.07 24.56
N VAL B 322 2.53 -25.59 25.46
CA VAL B 322 3.62 -26.38 26.03
C VAL B 322 3.10 -27.15 27.27
N SER B 323 3.91 -28.07 27.81
CA SER B 323 3.55 -28.92 28.94
C SER B 323 3.10 -28.11 30.16
N LYS B 324 3.81 -27.02 30.47
CA LYS B 324 3.49 -26.13 31.59
C LYS B 324 2.31 -25.17 31.32
N ASP B 325 1.60 -25.33 30.18
CA ASP B 325 0.41 -24.54 29.82
C ASP B 325 -0.92 -25.31 30.07
N LEU B 326 -0.82 -26.58 30.51
CA LEU B 326 -1.96 -27.46 30.70
C LEU B 326 -1.88 -28.19 32.05
N PRO B 327 -2.96 -28.87 32.52
CA PRO B 327 -2.82 -29.74 33.70
C PRO B 327 -1.69 -30.76 33.40
N LYS B 328 -0.70 -30.85 34.31
CA LYS B 328 0.51 -31.65 34.06
C LYS B 328 0.43 -33.11 34.46
N ALA B 329 1.38 -33.93 33.90
CA ALA B 329 1.61 -35.40 34.05
C ALA B 329 0.44 -36.21 33.49
N CYS B 330 0.16 -36.03 32.18
CA CYS B 330 -0.98 -36.62 31.48
C CYS B 330 -0.53 -37.29 30.11
N LEU B 331 -1.50 -37.51 29.17
CA LEU B 331 -1.32 -38.01 27.81
C LEU B 331 -2.18 -37.10 26.95
N TYR B 332 -1.59 -36.50 25.92
CA TYR B 332 -2.22 -35.48 25.12
C TYR B 332 -2.54 -35.90 23.68
N THR B 333 -3.67 -35.44 23.17
CA THR B 333 -4.13 -35.75 21.83
C THR B 333 -4.68 -34.46 21.25
N ARG B 334 -4.21 -34.06 20.07
CA ARG B 334 -4.66 -32.83 19.44
C ARG B 334 -5.61 -33.09 18.28
N LEU B 335 -6.85 -32.58 18.34
CA LEU B 335 -7.79 -32.70 17.23
C LEU B 335 -7.82 -31.32 16.56
N SER B 336 -7.03 -31.17 15.49
CA SER B 336 -6.85 -29.91 14.78
C SER B 336 -7.82 -29.63 13.65
N SER B 337 -8.86 -30.44 13.45
CA SER B 337 -9.74 -30.26 12.30
C SER B 337 -11.22 -30.33 12.64
N LEU B 338 -11.63 -29.58 13.67
CA LEU B 338 -13.03 -29.57 14.13
C LEU B 338 -14.04 -29.08 13.08
N GLN B 339 -13.57 -28.38 12.03
CA GLN B 339 -14.45 -27.91 10.95
C GLN B 339 -15.00 -29.07 10.10
N LYS B 340 -14.25 -30.18 10.03
CA LYS B 340 -14.64 -31.38 9.28
C LYS B 340 -15.61 -32.28 10.04
N LEU B 341 -15.79 -32.07 11.35
CA LEU B 341 -16.71 -32.87 12.15
C LEU B 341 -18.16 -32.53 11.76
N LYS B 342 -18.89 -33.51 11.22
CA LYS B 342 -20.29 -33.39 10.78
C LYS B 342 -21.28 -34.13 11.72
N GLU B 343 -20.77 -34.97 12.63
CA GLU B 343 -21.61 -35.68 13.58
C GLU B 343 -21.15 -35.33 15.02
N GLU B 344 -21.55 -36.09 16.05
CA GLU B 344 -21.14 -35.80 17.42
C GLU B 344 -19.76 -36.39 17.68
N LEU B 345 -18.95 -35.74 18.52
CA LEU B 345 -17.63 -36.26 18.84
C LEU B 345 -17.74 -37.44 19.83
N VAL B 346 -17.73 -38.65 19.27
CA VAL B 346 -17.81 -39.89 20.04
C VAL B 346 -16.51 -40.68 19.84
N PHE B 347 -15.87 -41.08 20.94
CA PHE B 347 -14.62 -41.85 20.88
C PHE B 347 -14.46 -42.81 22.06
N THR B 348 -13.45 -43.69 22.02
CA THR B 348 -13.23 -44.67 23.08
C THR B 348 -12.00 -44.35 23.95
N VAL B 349 -12.16 -44.53 25.28
CA VAL B 349 -11.08 -44.37 26.26
C VAL B 349 -10.65 -45.80 26.64
N CYS B 350 -9.38 -46.12 26.46
CA CYS B 350 -8.81 -47.43 26.73
C CYS B 350 -7.98 -47.46 27.99
N LEU B 351 -8.13 -48.53 28.79
CA LEU B 351 -7.36 -48.68 30.00
C LEU B 351 -6.58 -49.98 29.96
N SER B 352 -5.25 -49.91 30.01
CA SER B 352 -4.38 -51.08 30.03
C SER B 352 -3.72 -51.12 31.42
N TYR B 353 -3.70 -52.29 32.08
CA TYR B 353 -3.12 -52.36 33.42
C TYR B 353 -2.56 -53.73 33.83
N GLN B 354 -1.47 -53.71 34.60
CA GLN B 354 -0.82 -54.90 35.09
C GLN B 354 -0.76 -54.91 36.61
N TYR B 355 -0.84 -56.10 37.21
CA TYR B 355 -0.79 -56.28 38.66
C TYR B 355 0.60 -56.73 39.11
N GLU B 359 0.59 -61.89 34.70
CA GLU B 359 1.54 -61.63 33.62
C GLU B 359 0.89 -60.93 32.44
N ASP B 360 -0.36 -61.31 32.13
CA ASP B 360 -1.12 -60.73 31.02
C ASP B 360 -1.58 -59.30 31.32
N THR B 361 -1.44 -58.40 30.35
CA THR B 361 -1.94 -57.02 30.51
C THR B 361 -3.48 -57.06 30.41
N VAL B 362 -4.17 -56.25 31.20
CA VAL B 362 -5.63 -56.26 31.21
C VAL B 362 -6.23 -55.01 30.57
N GLU B 363 -7.13 -55.21 29.62
CA GLU B 363 -7.79 -54.14 28.89
C GLU B 363 -9.27 -54.03 29.25
N ASP B 364 -9.79 -52.78 29.22
CA ASP B 364 -11.17 -52.36 29.48
C ASP B 364 -11.36 -51.02 28.74
N LYS B 365 -12.53 -50.83 28.12
CA LYS B 365 -12.79 -49.59 27.40
C LYS B 365 -14.17 -49.00 27.71
N GLN B 366 -14.28 -47.66 27.65
CA GLN B 366 -15.52 -46.94 27.90
C GLN B 366 -15.73 -45.91 26.78
N GLU B 367 -16.96 -45.83 26.25
CA GLU B 367 -17.24 -44.87 25.17
C GLU B 367 -17.71 -43.56 25.71
N VAL B 368 -17.13 -42.49 25.20
CA VAL B 368 -17.41 -41.13 25.62
C VAL B 368 -17.96 -40.29 24.44
N ASN B 369 -19.04 -39.54 24.71
CA ASN B 369 -19.66 -38.61 23.76
C ASN B 369 -19.51 -37.23 24.35
N VAL B 370 -18.79 -36.32 23.63
CA VAL B 370 -18.61 -34.96 24.13
C VAL B 370 -19.27 -33.90 23.24
N GLY B 371 -20.31 -34.28 22.51
CA GLY B 371 -21.03 -33.35 21.65
C GLY B 371 -20.20 -32.78 20.52
N LYS B 372 -20.54 -31.58 20.04
CA LYS B 372 -19.83 -30.86 18.97
C LYS B 372 -19.03 -29.71 19.60
N PRO B 373 -17.72 -29.92 19.87
CA PRO B 373 -16.94 -28.88 20.55
C PRO B 373 -16.46 -27.73 19.68
N LEU B 374 -16.31 -26.54 20.30
CA LEU B 374 -15.85 -25.33 19.65
C LEU B 374 -16.67 -25.03 18.34
N ILE B 375 -16.04 -24.77 17.16
CA ILE B 375 -16.69 -24.42 15.89
C ILE B 375 -17.61 -25.51 15.37
N ALA B 376 -17.47 -26.76 15.83
CA ALA B 376 -18.36 -27.84 15.39
C ALA B 376 -19.80 -27.62 15.91
N LYS B 377 -19.97 -26.87 17.03
CA LYS B 377 -21.31 -26.55 17.56
C LYS B 377 -22.11 -25.72 16.54
N LEU B 378 -21.42 -24.86 15.77
CA LEU B 378 -21.98 -24.06 14.68
C LEU B 378 -22.22 -25.05 13.55
N ASP B 379 -23.40 -25.67 13.50
CA ASP B 379 -23.71 -26.67 12.50
C ASP B 379 -23.59 -26.13 11.08
N MET B 380 -22.46 -26.42 10.42
CA MET B 380 -22.18 -25.93 9.08
C MET B 380 -22.25 -27.09 8.07
C1 6IO C . -18.47 -21.82 8.19
C2 6IO C . -20.24 -16.10 14.21
C3 6IO C . -18.28 -23.08 7.67
C7 6IO C . -16.09 -22.93 8.15
C8 6IO C . -18.23 -14.37 14.29
C9 6IO C . -16.22 -19.52 11.15
C10 6IO C . -16.92 -17.61 9.73
C11 6IO C . -17.37 -19.24 12.10
C12 6IO C . -18.08 -17.32 10.66
C13 6IO C . -16.54 -19.08 9.73
C14 6IO C . -17.79 -17.78 12.07
C15 6IO C . -14.72 -23.52 8.14
C16 6IO C . -17.07 -13.44 14.29
N18 6IO C . -19.35 -14.00 14.92
C4 6IO C . -20.33 -14.90 14.86
C5 6IO C . -17.39 -21.13 8.71
C6 6IO C . -19.05 -16.39 13.58
N17 6IO C . -17.08 -23.66 7.62
N19 6IO C . -16.18 -21.71 8.69
N20 6IO C . -18.04 -15.51 13.62
N21 6IO C . -17.67 -19.85 9.22
N22 6IO C . -18.99 -17.63 12.89
F23 6IO C . -14.35 -23.97 9.35
F24 6IO C . -13.78 -22.63 7.76
F25 6IO C . -14.57 -24.55 7.27
F26 6IO C . -16.15 -13.81 15.22
F27 6IO C . -16.41 -13.43 13.10
F28 6IO C . -17.39 -12.15 14.55
#